data_6RK9
#
_entry.id   6RK9
#
_cell.length_a   49.472
_cell.length_b   59.243
_cell.length_c   95.665
_cell.angle_alpha   103.970
_cell.angle_beta   91.490
_cell.angle_gamma   92.700
#
_symmetry.space_group_name_H-M   'P 1'
#
loop_
_entity.id
_entity.type
_entity.pdbx_description
1 polymer 'Aspartyl/asparaginyl beta-hydroxylase'
2 polymer ACA-LYS-ASP-GLY-LEU-GLY-GLU-TYR-THR-CYS-THR-SER-LEU-GLU-GLY-PHE-GLU
3 non-polymer 'MANGANESE (II) ION'
4 non-polymer N-OXALYLGLYCINE
5 water water
#
loop_
_entity_poly.entity_id
_entity_poly.type
_entity_poly.pdbx_seq_one_letter_code
_entity_poly.pdbx_strand_id
1 'polypeptide(L)'
;KPKLLNKFDKTIKAELDAAEKLRKRGKIEEAVNAFKELVRKYPQSPRARYGKAQCEDDLAEKRRSNEVLRGAIETYQEVA
SLPDVPADLLKLSLKRRSDRQQFLGHMRGSLLTLQRLVQLFPNDTSLKNDLGVGYLLIGDNDNAKKVYEEVLSVTPNDGF
AKVHYGFILKAQNKIAESIPYLKEGIESGDPGTDDGRFYFHLGDAMQRVGNKEAYKWYELGHKRGHFASVWQRSLYNVNG
LKAQPWWTPKETGYTELVKSLERNWKLIRDEGLAVMDKAKGLFLPEDENLREKGDWSQFTLWQQGRRNENACKGAPKTCT
LLEKFPETTGCRRGQIKYSIMHPGTHVWPHTGPTNCRLRMHLGLVIPKEGCKIRCANETKTWEEGKVLIFDDSFEHEVWQ
DASSFRLIFIVDVWHPELTPQQRRSLPAI
;
A,B
2 'polypeptide(L)' (DAL)KDGLGEYTCTSLEGFEGK C
#
loop_
_chem_comp.id
_chem_comp.type
_chem_comp.name
_chem_comp.formula
MN non-polymer 'MANGANESE (II) ION' 'Mn 2'
OGA non-polymer N-OXALYLGLYCINE 'C4 H5 N O5'
#
# COMPACT_ATOMS: atom_id res chain seq x y z
N LYS A 1 3.03 -14.27 30.99
CA LYS A 1 3.68 -13.91 29.73
C LYS A 1 3.41 -14.99 28.69
N PRO A 2 3.42 -14.61 27.41
CA PRO A 2 3.10 -15.57 26.35
C PRO A 2 4.26 -16.52 26.07
N LYS A 3 3.89 -17.67 25.50
CA LYS A 3 4.84 -18.70 25.10
C LYS A 3 4.91 -18.70 23.58
N LEU A 4 5.96 -18.08 23.04
CA LEU A 4 6.09 -17.85 21.61
C LEU A 4 7.16 -18.73 20.95
N LEU A 5 7.80 -19.62 21.69
CA LEU A 5 8.93 -20.39 21.17
C LEU A 5 8.62 -21.88 21.28
N ASN A 6 8.52 -22.54 20.13
CA ASN A 6 8.47 -23.99 20.14
C ASN A 6 9.88 -24.54 20.40
N LYS A 7 9.97 -25.86 20.59
CA LYS A 7 11.24 -26.47 20.97
C LYS A 7 12.31 -26.17 19.93
N PHE A 8 11.96 -26.14 18.65
CA PHE A 8 12.96 -25.82 17.64
C PHE A 8 13.48 -24.41 17.83
N ASP A 9 12.59 -23.43 18.01
CA ASP A 9 13.04 -22.06 18.20
C ASP A 9 13.90 -21.91 19.44
N LYS A 10 13.63 -22.71 20.48
CA LYS A 10 14.45 -22.65 21.68
C LYS A 10 15.90 -23.05 21.41
N THR A 11 16.17 -23.80 20.35
CA THR A 11 17.54 -24.12 19.98
C THR A 11 18.25 -22.95 19.30
N ILE A 12 17.52 -21.87 18.98
CA ILE A 12 18.13 -20.69 18.37
C ILE A 12 17.66 -19.44 19.10
N LYS A 13 17.18 -19.60 20.34
CA LYS A 13 16.67 -18.46 21.09
C LYS A 13 17.66 -17.30 21.13
N ALA A 14 18.96 -17.61 21.14
CA ALA A 14 19.96 -16.55 21.21
C ALA A 14 19.88 -15.64 19.99
N GLU A 15 19.91 -16.22 18.79
CA GLU A 15 19.83 -15.41 17.58
C GLU A 15 18.49 -14.68 17.51
N LEU A 16 17.42 -15.33 17.97
CA LEU A 16 16.10 -14.72 17.95
C LEU A 16 16.07 -13.46 18.82
N ASP A 17 16.55 -13.58 20.05
CA ASP A 17 16.54 -12.43 20.95
C ASP A 17 17.41 -11.30 20.41
N ALA A 18 18.55 -11.63 19.82
CA ALA A 18 19.41 -10.60 19.25
C ALA A 18 18.67 -9.78 18.21
N ALA A 19 17.95 -10.46 17.30
CA ALA A 19 17.17 -9.76 16.29
C ALA A 19 16.05 -8.94 16.93
N GLU A 20 15.33 -9.54 17.88
CA GLU A 20 14.23 -8.84 18.55
C GLU A 20 14.75 -7.64 19.33
N LYS A 21 15.93 -7.76 19.93
CA LYS A 21 16.49 -6.65 20.69
C LYS A 21 16.77 -5.47 19.78
N LEU A 22 17.26 -5.72 18.57
CA LEU A 22 17.45 -4.65 17.60
C LEU A 22 16.14 -3.93 17.32
N ARG A 23 15.08 -4.67 17.01
CA ARG A 23 13.78 -4.06 16.75
C ARG A 23 13.29 -3.29 17.98
N LYS A 24 13.36 -3.93 19.15
CA LYS A 24 12.92 -3.25 20.37
C LYS A 24 13.74 -1.99 20.62
N ARG A 25 15.04 -2.04 20.32
CA ARG A 25 15.88 -0.85 20.45
C ARG A 25 15.48 0.25 19.47
N GLY A 26 14.79 -0.11 18.39
CA GLY A 26 14.37 0.85 17.39
C GLY A 26 15.18 0.82 16.10
N LYS A 27 16.17 -0.07 16.00
CA LYS A 27 16.99 -0.17 14.79
C LYS A 27 16.28 -1.12 13.83
N ILE A 28 15.33 -0.56 13.08
CA ILE A 28 14.41 -1.37 12.29
C ILE A 28 15.11 -1.92 11.05
N GLU A 29 15.84 -1.06 10.33
CA GLU A 29 16.48 -1.47 9.09
C GLU A 29 17.35 -2.70 9.31
N GLU A 30 18.26 -2.64 10.29
CA GLU A 30 19.14 -3.77 10.55
C GLU A 30 18.44 -4.92 11.28
N ALA A 31 17.32 -4.65 11.94
CA ALA A 31 16.53 -5.73 12.54
C ALA A 31 15.80 -6.52 11.46
N VAL A 32 15.25 -5.85 10.46
CA VAL A 32 14.67 -6.53 9.31
C VAL A 32 15.70 -7.44 8.67
N ASN A 33 16.91 -6.92 8.43
CA ASN A 33 17.96 -7.72 7.84
C ASN A 33 18.36 -8.87 8.74
N ALA A 34 18.19 -8.71 10.06
CA ALA A 34 18.45 -9.81 10.97
C ALA A 34 17.42 -10.92 10.79
N PHE A 35 16.14 -10.60 10.98
CA PHE A 35 15.10 -11.62 10.86
C PHE A 35 15.04 -12.20 9.45
N LYS A 36 15.33 -11.39 8.43
CA LYS A 36 15.41 -11.93 7.06
C LYS A 36 16.48 -13.01 6.98
N GLU A 37 17.65 -12.77 7.56
CA GLU A 37 18.68 -13.80 7.62
C GLU A 37 18.18 -15.02 8.39
N LEU A 38 17.45 -14.79 9.49
CA LEU A 38 16.96 -15.90 10.29
C LEU A 38 15.93 -16.72 9.53
N VAL A 39 14.96 -16.06 8.89
CA VAL A 39 14.03 -16.77 8.02
C VAL A 39 14.79 -17.50 6.92
N ARG A 40 15.90 -16.92 6.44
CA ARG A 40 16.71 -17.60 5.43
C ARG A 40 17.34 -18.86 6.00
N LYS A 41 18.02 -18.75 7.14
CA LYS A 41 18.69 -19.91 7.73
C LYS A 41 17.69 -20.95 8.21
N TYR A 42 16.53 -20.52 8.71
CA TYR A 42 15.55 -21.41 9.33
C TYR A 42 14.17 -21.07 8.78
N PRO A 43 13.87 -21.48 7.55
CA PRO A 43 12.54 -21.17 6.99
C PRO A 43 11.41 -21.79 7.79
N GLN A 44 11.71 -22.77 8.63
CA GLN A 44 10.71 -23.46 9.42
C GLN A 44 10.50 -22.81 10.79
N SER A 45 11.15 -21.68 11.05
CA SER A 45 11.06 -21.03 12.36
C SER A 45 9.81 -20.16 12.41
N PRO A 46 8.88 -20.40 13.34
CA PRO A 46 7.74 -19.48 13.46
C PRO A 46 8.10 -18.15 14.08
N ARG A 47 9.06 -18.12 15.01
CA ARG A 47 9.43 -16.86 15.66
C ARG A 47 10.22 -15.97 14.71
N ALA A 48 11.12 -16.54 13.92
CA ALA A 48 11.83 -15.74 12.94
C ALA A 48 10.87 -15.13 11.94
N ARG A 49 9.85 -15.88 11.54
CA ARG A 49 8.84 -15.37 10.62
C ARG A 49 8.02 -14.26 11.28
N TYR A 50 7.61 -14.47 12.53
CA TYR A 50 6.84 -13.48 13.25
C TYR A 50 7.63 -12.19 13.47
N GLY A 51 8.92 -12.32 13.81
CA GLY A 51 9.76 -11.14 13.96
C GLY A 51 9.97 -10.41 12.65
N LYS A 52 10.05 -11.14 11.55
CA LYS A 52 10.09 -10.49 10.24
C LYS A 52 8.83 -9.67 10.01
N ALA A 53 7.66 -10.25 10.33
CA ALA A 53 6.41 -9.54 10.07
C ALA A 53 6.27 -8.33 10.98
N GLN A 54 6.68 -8.45 12.24
CA GLN A 54 6.62 -7.29 13.15
C GLN A 54 7.54 -6.18 12.67
N CYS A 55 8.73 -6.53 12.18
CA CYS A 55 9.63 -5.52 11.65
C CYS A 55 9.05 -4.86 10.40
N GLU A 56 8.47 -5.65 9.49
CA GLU A 56 7.77 -5.07 8.35
C GLU A 56 6.63 -4.18 8.82
N ASP A 57 5.92 -4.61 9.86
CA ASP A 57 4.89 -3.76 10.46
C ASP A 57 5.49 -2.46 10.97
N ASP A 58 6.59 -2.54 11.72
CA ASP A 58 7.25 -1.33 12.22
C ASP A 58 7.76 -0.47 11.07
N LEU A 59 8.24 -1.10 10.00
CA LEU A 59 8.71 -0.34 8.85
C LEU A 59 7.58 0.40 8.16
N ALA A 60 6.40 -0.25 8.04
CA ALA A 60 5.28 0.41 7.39
C ALA A 60 4.85 1.66 8.16
N GLU A 61 4.78 1.57 9.48
CA GLU A 61 4.47 2.74 10.29
C GLU A 61 5.48 3.85 10.06
N LYS A 62 6.78 3.50 10.05
CA LYS A 62 7.82 4.50 9.86
C LYS A 62 7.67 5.20 8.51
N ARG A 63 7.65 4.43 7.43
CA ARG A 63 7.52 4.99 6.09
C ARG A 63 6.09 5.40 5.74
N ARG A 64 5.12 5.04 6.59
CA ARG A 64 3.72 5.35 6.33
C ARG A 64 3.25 4.69 5.02
N SER A 65 3.70 3.46 4.79
CA SER A 65 3.48 2.76 3.54
C SER A 65 2.44 1.66 3.70
N ASN A 66 1.41 1.68 2.85
CA ASN A 66 0.45 0.59 2.83
C ASN A 66 1.04 -0.64 2.16
N GLU A 67 1.85 -0.44 1.11
CA GLU A 67 2.43 -1.57 0.39
C GLU A 67 3.33 -2.39 1.31
N VAL A 68 4.23 -1.70 2.04
CA VAL A 68 5.06 -2.39 3.02
C VAL A 68 4.18 -3.15 4.01
N LEU A 69 3.10 -2.52 4.46
CA LEU A 69 2.23 -3.15 5.45
C LEU A 69 1.57 -4.40 4.86
N ARG A 70 1.19 -4.35 3.59
CA ARG A 70 0.60 -5.54 2.96
C ARG A 70 1.59 -6.68 2.90
N GLY A 71 2.89 -6.37 2.80
CA GLY A 71 3.89 -7.41 2.94
C GLY A 71 3.84 -8.06 4.31
N ALA A 72 3.83 -7.24 5.37
CA ALA A 72 3.74 -7.77 6.72
C ALA A 72 2.48 -8.61 6.90
N ILE A 73 1.38 -8.20 6.27
CA ILE A 73 0.12 -8.91 6.42
C ILE A 73 0.23 -10.32 5.85
N GLU A 74 0.94 -10.46 4.73
CA GLU A 74 1.18 -11.79 4.17
C GLU A 74 2.14 -12.58 5.05
N THR A 75 3.17 -11.92 5.61
CA THR A 75 4.12 -12.64 6.45
C THR A 75 3.46 -13.12 7.75
N TYR A 76 2.56 -12.32 8.31
CA TYR A 76 1.82 -12.78 9.49
C TYR A 76 1.10 -14.09 9.20
N GLN A 77 0.59 -14.24 7.97
CA GLN A 77 -0.11 -15.47 7.62
C GLN A 77 0.84 -16.65 7.50
N GLU A 78 2.02 -16.43 6.91
CA GLU A 78 2.98 -17.52 6.76
C GLU A 78 3.33 -18.15 8.10
N VAL A 79 3.37 -17.35 9.17
CA VAL A 79 3.60 -17.89 10.50
C VAL A 79 2.66 -19.05 10.79
N ALA A 80 1.40 -18.91 10.35
CA ALA A 80 0.38 -19.91 10.63
C ALA A 80 0.63 -21.22 9.91
N SER A 81 1.38 -21.20 8.81
CA SER A 81 1.60 -22.39 8.00
C SER A 81 2.80 -23.23 8.45
N LEU A 82 3.63 -22.73 9.36
CA LEU A 82 4.89 -23.38 9.69
C LEU A 82 4.69 -24.49 10.72
N PRO A 83 5.67 -25.39 10.84
CA PRO A 83 5.49 -26.55 11.72
C PRO A 83 5.48 -26.16 13.19
N ASP A 84 4.60 -26.82 13.95
CA ASP A 84 4.58 -26.77 15.42
C ASP A 84 4.69 -25.33 15.91
N VAL A 85 3.64 -24.57 15.63
CA VAL A 85 3.56 -23.17 16.00
C VAL A 85 2.86 -23.06 17.36
N PRO A 86 3.44 -22.38 18.34
CA PRO A 86 2.74 -22.22 19.63
C PRO A 86 1.42 -21.48 19.47
N ALA A 87 0.43 -21.90 20.26
CA ALA A 87 -0.90 -21.31 20.19
C ALA A 87 -0.85 -19.80 20.39
N ASP A 88 -0.12 -19.35 21.42
CA ASP A 88 -0.05 -17.92 21.69
C ASP A 88 0.51 -17.16 20.50
N LEU A 89 1.58 -17.68 19.88
CA LEU A 89 2.17 -17.03 18.73
C LEU A 89 1.21 -17.02 17.54
N LEU A 90 0.52 -18.14 17.32
CA LEU A 90 -0.43 -18.23 16.21
C LEU A 90 -1.56 -17.21 16.36
N LYS A 91 -2.19 -17.18 17.54
CA LYS A 91 -3.27 -16.22 17.77
C LYS A 91 -2.77 -14.79 17.64
N LEU A 92 -1.57 -14.51 18.15
CA LEU A 92 -1.01 -13.17 18.10
C LEU A 92 -0.77 -12.73 16.65
N SER A 93 -0.33 -13.66 15.80
CA SER A 93 0.03 -13.32 14.43
C SER A 93 -1.20 -13.10 13.56
N LEU A 94 -2.22 -13.96 13.70
CA LEU A 94 -3.43 -13.81 12.90
C LEU A 94 -4.30 -12.65 13.38
N LYS A 95 -4.23 -12.30 14.68
CA LYS A 95 -4.96 -11.14 15.16
C LYS A 95 -4.38 -9.85 14.60
N ARG A 96 -3.05 -9.71 14.62
CA ARG A 96 -2.42 -8.52 14.06
C ARG A 96 -2.68 -8.44 12.56
N ARG A 97 -2.64 -9.58 11.87
CA ARG A 97 -3.04 -9.60 10.47
C ARG A 97 -4.41 -8.98 10.28
N SER A 98 -5.41 -9.47 11.01
CA SER A 98 -6.76 -8.94 10.91
C SER A 98 -6.79 -7.45 11.24
N ASP A 99 -6.13 -7.07 12.34
CA ASP A 99 -6.11 -5.66 12.72
C ASP A 99 -5.54 -4.80 11.60
N ARG A 100 -4.40 -5.22 11.03
CA ARG A 100 -3.79 -4.45 9.95
C ARG A 100 -4.65 -4.51 8.69
N GLN A 101 -5.29 -5.65 8.43
CA GLN A 101 -6.20 -5.73 7.28
C GLN A 101 -7.32 -4.70 7.40
N GLN A 102 -7.91 -4.57 8.59
CA GLN A 102 -8.91 -3.54 8.81
C GLN A 102 -8.30 -2.15 8.61
N PHE A 103 -7.07 -1.95 9.09
CA PHE A 103 -6.42 -0.65 8.95
C PHE A 103 -6.35 -0.22 7.49
N LEU A 104 -6.20 -1.17 6.57
CA LEU A 104 -6.06 -0.88 5.15
C LEU A 104 -7.40 -0.83 4.41
N GLY A 105 -8.50 -1.16 5.07
CA GLY A 105 -9.78 -1.25 4.40
C GLY A 105 -10.07 -2.57 3.74
N HIS A 106 -9.25 -3.59 3.96
CA HIS A 106 -9.52 -4.94 3.46
C HIS A 106 -10.41 -5.65 4.48
N MET A 107 -11.69 -5.31 4.46
CA MET A 107 -12.63 -5.86 5.43
C MET A 107 -13.03 -7.28 5.10
N ARG A 108 -13.18 -7.59 3.81
CA ARG A 108 -13.40 -8.99 3.42
C ARG A 108 -12.22 -9.86 3.85
N GLY A 109 -11.00 -9.34 3.71
CA GLY A 109 -9.83 -10.09 4.15
C GLY A 109 -9.80 -10.28 5.65
N SER A 110 -9.97 -9.18 6.40
CA SER A 110 -10.05 -9.27 7.85
C SER A 110 -11.10 -10.28 8.28
N LEU A 111 -12.19 -10.39 7.52
CA LEU A 111 -13.24 -11.34 7.88
C LEU A 111 -12.76 -12.77 7.75
N LEU A 112 -12.16 -13.12 6.61
CA LEU A 112 -11.63 -14.46 6.43
C LEU A 112 -10.62 -14.78 7.52
N THR A 113 -9.77 -13.81 7.88
CA THR A 113 -8.82 -14.02 8.96
C THR A 113 -9.53 -14.33 10.27
N LEU A 114 -10.51 -13.50 10.64
CA LEU A 114 -11.23 -13.71 11.89
C LEU A 114 -11.94 -15.06 11.88
N GLN A 115 -12.46 -15.46 10.72
CA GLN A 115 -13.15 -16.76 10.63
C GLN A 115 -12.17 -17.90 10.89
N ARG A 116 -10.97 -17.83 10.32
CA ARG A 116 -9.96 -18.86 10.58
C ARG A 116 -9.56 -18.86 12.05
N LEU A 117 -9.40 -17.68 12.64
CA LEU A 117 -9.07 -17.58 14.06
C LEU A 117 -10.11 -18.30 14.91
N VAL A 118 -11.39 -18.06 14.64
CA VAL A 118 -12.45 -18.61 15.47
C VAL A 118 -12.44 -20.13 15.41
N GLN A 119 -12.10 -20.71 14.26
CA GLN A 119 -12.04 -22.16 14.15
C GLN A 119 -10.84 -22.72 14.92
N LEU A 120 -9.74 -21.99 14.93
CA LEU A 120 -8.53 -22.43 15.63
C LEU A 120 -8.67 -22.30 17.14
N PHE A 121 -9.60 -21.49 17.63
CA PHE A 121 -9.77 -21.23 19.05
C PHE A 121 -11.25 -21.12 19.36
N PRO A 122 -11.99 -22.24 19.30
CA PRO A 122 -13.44 -22.19 19.48
C PRO A 122 -13.89 -21.84 20.89
N ASN A 123 -12.99 -21.82 21.86
CA ASN A 123 -13.33 -21.42 23.22
C ASN A 123 -13.03 -19.95 23.50
N ASP A 124 -12.34 -19.27 22.59
CA ASP A 124 -12.00 -17.86 22.77
C ASP A 124 -13.22 -17.02 22.41
N THR A 125 -13.88 -16.46 23.43
CA THR A 125 -15.06 -15.63 23.18
C THR A 125 -14.67 -14.31 22.52
N SER A 126 -13.52 -13.75 22.91
CA SER A 126 -13.08 -12.48 22.33
C SER A 126 -12.94 -12.58 20.82
N LEU A 127 -12.42 -13.70 20.32
CA LEU A 127 -12.30 -13.86 18.88
C LEU A 127 -13.66 -13.88 18.20
N LYS A 128 -14.68 -14.43 18.88
CA LYS A 128 -16.04 -14.38 18.35
C LYS A 128 -16.55 -12.94 18.36
N ASN A 129 -16.38 -12.24 19.48
CA ASN A 129 -16.74 -10.83 19.54
C ASN A 129 -16.07 -10.05 18.41
N ASP A 130 -14.79 -10.32 18.17
CA ASP A 130 -14.10 -9.65 17.07
C ASP A 130 -14.64 -10.09 15.72
N LEU A 131 -15.03 -11.36 15.60
CA LEU A 131 -15.64 -11.83 14.36
C LEU A 131 -16.95 -11.09 14.08
N GLY A 132 -17.77 -10.89 15.10
CA GLY A 132 -19.00 -10.14 14.92
C GLY A 132 -18.76 -8.76 14.38
N VAL A 133 -17.73 -8.08 14.89
CA VAL A 133 -17.36 -6.77 14.36
C VAL A 133 -16.94 -6.90 12.90
N GLY A 134 -16.20 -7.95 12.56
CA GLY A 134 -15.86 -8.19 11.17
C GLY A 134 -17.07 -8.21 10.27
N TYR A 135 -18.15 -8.87 10.72
CA TYR A 135 -19.37 -8.91 9.93
C TYR A 135 -20.05 -7.55 9.89
N LEU A 136 -20.04 -6.82 11.02
CA LEU A 136 -20.66 -5.51 11.05
C LEU A 136 -19.93 -4.54 10.12
N LEU A 137 -18.60 -4.60 10.08
CA LEU A 137 -17.84 -3.70 9.23
C LEU A 137 -18.16 -3.89 7.76
N ILE A 138 -18.68 -5.05 7.38
CA ILE A 138 -19.08 -5.31 6.00
C ILE A 138 -20.56 -5.04 5.77
N GLY A 139 -21.32 -4.74 6.82
CA GLY A 139 -22.75 -4.56 6.70
C GLY A 139 -23.58 -5.81 6.81
N ASP A 140 -22.98 -6.93 7.21
CA ASP A 140 -23.69 -8.21 7.29
C ASP A 140 -24.22 -8.38 8.72
N ASN A 141 -25.32 -7.68 9.01
CA ASN A 141 -25.91 -7.74 10.33
C ASN A 141 -26.59 -9.08 10.63
N ASP A 142 -26.81 -9.91 9.61
CA ASP A 142 -27.43 -11.21 9.87
C ASP A 142 -26.42 -12.18 10.48
N ASN A 143 -25.28 -12.37 9.82
CA ASN A 143 -24.23 -13.22 10.38
C ASN A 143 -23.68 -12.62 11.67
N ALA A 144 -23.54 -11.29 11.72
CA ALA A 144 -23.10 -10.65 12.95
C ALA A 144 -24.03 -10.96 14.11
N LYS A 145 -25.34 -10.91 13.87
CA LYS A 145 -26.30 -11.21 14.93
C LYS A 145 -26.13 -12.64 15.43
N LYS A 146 -26.04 -13.61 14.50
CA LYS A 146 -25.83 -15.00 14.89
C LYS A 146 -24.61 -15.13 15.78
N VAL A 147 -23.51 -14.46 15.42
CA VAL A 147 -22.28 -14.58 16.19
C VAL A 147 -22.51 -14.17 17.64
N TYR A 148 -23.10 -13.00 17.86
CA TYR A 148 -23.30 -12.52 19.21
C TYR A 148 -24.36 -13.33 19.95
N GLU A 149 -25.30 -13.94 19.21
CA GLU A 149 -26.23 -14.86 19.86
C GLU A 149 -25.50 -16.12 20.34
N GLU A 150 -24.55 -16.61 19.55
CA GLU A 150 -23.75 -17.75 19.97
C GLU A 150 -22.81 -17.40 21.12
N VAL A 151 -22.46 -16.13 21.27
CA VAL A 151 -21.63 -15.71 22.40
C VAL A 151 -22.46 -15.64 23.68
N LEU A 152 -23.63 -15.01 23.61
CA LEU A 152 -24.44 -14.81 24.80
C LEU A 152 -25.09 -16.10 25.29
N SER A 153 -25.21 -17.12 24.43
CA SER A 153 -25.66 -18.42 24.90
C SER A 153 -24.61 -19.10 25.77
N VAL A 154 -23.35 -18.70 25.65
CA VAL A 154 -22.26 -19.27 26.46
C VAL A 154 -21.91 -18.29 27.56
N THR A 155 -21.55 -17.06 27.18
CA THR A 155 -21.25 -16.00 28.13
C THR A 155 -22.34 -14.92 28.07
N PRO A 156 -23.46 -15.10 28.76
CA PRO A 156 -24.59 -14.18 28.59
C PRO A 156 -24.38 -12.82 29.26
N ASN A 157 -23.40 -12.68 30.14
CA ASN A 157 -23.17 -11.42 30.83
C ASN A 157 -21.99 -10.64 30.24
N ASP A 158 -21.48 -11.06 29.09
CA ASP A 158 -20.45 -10.29 28.40
C ASP A 158 -21.09 -9.02 27.85
N GLY A 159 -20.69 -7.87 28.39
CA GLY A 159 -21.26 -6.61 27.95
C GLY A 159 -20.97 -6.29 26.50
N PHE A 160 -19.73 -6.55 26.06
CA PHE A 160 -19.34 -6.29 24.69
C PHE A 160 -20.32 -6.94 23.71
N ALA A 161 -20.68 -8.19 23.96
CA ALA A 161 -21.66 -8.87 23.11
C ALA A 161 -23.05 -8.31 23.30
N LYS A 162 -23.36 -7.76 24.48
CA LYS A 162 -24.68 -7.19 24.72
C LYS A 162 -24.89 -5.95 23.86
N VAL A 163 -24.02 -4.95 23.99
CA VAL A 163 -24.21 -3.70 23.26
C VAL A 163 -24.28 -3.96 21.76
N HIS A 164 -23.41 -4.85 21.25
CA HIS A 164 -23.43 -5.13 19.82
C HIS A 164 -24.70 -5.86 19.42
N TYR A 165 -25.22 -6.73 20.30
CA TYR A 165 -26.49 -7.39 20.02
C TYR A 165 -27.62 -6.37 20.00
N GLY A 166 -27.67 -5.50 21.00
CA GLY A 166 -28.70 -4.47 21.03
C GLY A 166 -28.63 -3.53 19.84
N PHE A 167 -27.41 -3.12 19.47
CA PHE A 167 -27.25 -2.27 18.28
C PHE A 167 -27.87 -2.94 17.07
N ILE A 168 -27.57 -4.23 16.86
CA ILE A 168 -28.14 -4.94 15.71
C ILE A 168 -29.66 -4.99 15.83
N LEU A 169 -30.18 -5.14 17.05
CA LEU A 169 -31.62 -5.20 17.25
C LEU A 169 -32.28 -3.88 16.86
N LYS A 170 -31.77 -2.76 17.39
CA LYS A 170 -32.37 -1.46 17.05
C LYS A 170 -32.25 -1.19 15.56
N ALA A 171 -31.10 -1.51 14.96
CA ALA A 171 -30.97 -1.41 13.52
C ALA A 171 -32.11 -2.14 12.81
N GLN A 172 -32.62 -3.21 13.42
CA GLN A 172 -33.73 -3.97 12.87
C GLN A 172 -35.08 -3.48 13.38
N ASN A 173 -35.11 -2.35 14.08
CA ASN A 173 -36.34 -1.75 14.59
C ASN A 173 -36.93 -2.53 15.75
N LYS A 174 -36.11 -3.32 16.46
CA LYS A 174 -36.54 -3.97 17.69
C LYS A 174 -36.29 -3.02 18.86
N ILE A 175 -37.05 -1.93 18.86
CA ILE A 175 -36.77 -0.81 19.77
C ILE A 175 -36.76 -1.28 21.21
N ALA A 176 -37.91 -1.74 21.70
CA ALA A 176 -38.00 -2.15 23.10
C ALA A 176 -37.00 -3.25 23.43
N GLU A 177 -36.79 -4.20 22.51
CA GLU A 177 -35.93 -5.33 22.78
C GLU A 177 -34.46 -4.92 22.90
N SER A 178 -34.05 -3.85 22.22
CA SER A 178 -32.65 -3.44 22.23
C SER A 178 -32.28 -2.69 23.50
N ILE A 179 -33.25 -2.04 24.15
CA ILE A 179 -32.94 -1.17 25.29
C ILE A 179 -32.20 -1.93 26.39
N PRO A 180 -32.62 -3.12 26.82
CA PRO A 180 -31.89 -3.78 27.92
C PRO A 180 -30.46 -4.14 27.56
N TYR A 181 -30.25 -4.79 26.42
CA TYR A 181 -28.89 -5.15 26.01
C TYR A 181 -28.00 -3.91 25.95
N LEU A 182 -28.46 -2.86 25.28
CA LEU A 182 -27.68 -1.63 25.20
C LEU A 182 -27.43 -1.04 26.58
N LYS A 183 -28.47 -1.00 27.42
CA LYS A 183 -28.30 -0.46 28.77
C LYS A 183 -27.39 -1.33 29.60
N GLU A 184 -27.77 -2.61 29.77
CA GLU A 184 -26.95 -3.52 30.56
C GLU A 184 -25.52 -3.57 30.03
N GLY A 185 -25.36 -3.56 28.71
CA GLY A 185 -24.02 -3.62 28.13
C GLY A 185 -23.18 -2.41 28.47
N ILE A 186 -23.79 -1.24 28.51
CA ILE A 186 -23.06 -0.02 28.89
C ILE A 186 -22.79 -0.02 30.39
N GLU A 187 -23.74 -0.51 31.18
CA GLU A 187 -23.57 -0.53 32.63
C GLU A 187 -22.47 -1.47 33.08
N SER A 188 -22.05 -2.42 32.22
CA SER A 188 -21.01 -3.36 32.61
C SER A 188 -19.65 -2.69 32.67
N GLY A 189 -19.42 -1.65 31.86
CA GLY A 189 -18.12 -1.02 31.81
C GLY A 189 -17.05 -1.83 31.10
N ASP A 190 -17.41 -2.97 30.50
CA ASP A 190 -16.46 -3.80 29.79
C ASP A 190 -15.73 -3.00 28.72
N PRO A 191 -14.53 -3.40 28.34
CA PRO A 191 -13.84 -2.70 27.25
C PRO A 191 -14.59 -2.87 25.94
N GLY A 192 -14.70 -1.78 25.19
CA GLY A 192 -15.44 -1.77 23.95
C GLY A 192 -16.89 -1.36 24.07
N THR A 193 -17.41 -1.22 25.29
CA THR A 193 -18.80 -0.82 25.50
C THR A 193 -18.95 0.69 25.69
N ASP A 194 -17.85 1.41 25.93
CA ASP A 194 -17.90 2.87 26.04
C ASP A 194 -17.76 3.47 24.64
N ASP A 195 -18.83 3.29 23.85
CA ASP A 195 -18.86 3.71 22.46
C ASP A 195 -20.08 4.59 22.22
N GLY A 196 -19.85 5.79 21.70
CA GLY A 196 -20.94 6.73 21.51
C GLY A 196 -22.10 6.18 20.68
N ARG A 197 -21.83 5.19 19.84
CA ARG A 197 -22.91 4.57 19.06
C ARG A 197 -23.97 3.97 19.97
N PHE A 198 -23.56 3.39 21.10
CA PHE A 198 -24.52 2.72 21.97
C PHE A 198 -25.28 3.71 22.84
N TYR A 199 -24.61 4.73 23.36
CA TYR A 199 -25.30 5.83 24.03
C TYR A 199 -26.33 6.47 23.10
N PHE A 200 -25.89 6.82 21.90
CA PHE A 200 -26.76 7.41 20.89
C PHE A 200 -28.02 6.58 20.68
N HIS A 201 -27.84 5.31 20.33
CA HIS A 201 -28.97 4.47 19.96
C HIS A 201 -29.78 4.01 21.16
N LEU A 202 -29.15 3.87 22.32
CA LEU A 202 -29.91 3.63 23.55
C LEU A 202 -30.92 4.75 23.78
N GLY A 203 -30.42 5.99 23.92
CA GLY A 203 -31.31 7.10 24.16
C GLY A 203 -32.39 7.24 23.11
N ASP A 204 -32.00 7.19 21.83
CA ASP A 204 -32.97 7.31 20.75
C ASP A 204 -34.03 6.22 20.87
N ALA A 205 -33.61 4.99 21.21
CA ALA A 205 -34.57 3.91 21.40
C ALA A 205 -35.55 4.25 22.52
N MET A 206 -35.05 4.81 23.62
CA MET A 206 -35.93 5.22 24.72
C MET A 206 -36.90 6.30 24.26
N GLN A 207 -36.41 7.31 23.55
CA GLN A 207 -37.30 8.37 23.05
C GLN A 207 -38.49 7.77 22.30
N ARG A 208 -38.21 6.90 21.33
CA ARG A 208 -39.28 6.35 20.50
C ARG A 208 -40.34 5.65 21.35
N VAL A 209 -39.92 4.96 22.42
CA VAL A 209 -40.86 4.24 23.26
C VAL A 209 -41.48 5.13 24.34
N GLY A 210 -40.90 6.31 24.60
CA GLY A 210 -41.42 7.22 25.61
C GLY A 210 -40.64 7.23 26.91
N ASN A 211 -39.68 6.32 27.08
CA ASN A 211 -38.87 6.31 28.29
C ASN A 211 -38.11 7.62 28.41
N LYS A 212 -38.55 8.49 29.31
CA LYS A 212 -37.97 9.83 29.45
C LYS A 212 -36.58 9.81 30.05
N GLU A 213 -36.06 8.65 30.47
CA GLU A 213 -34.70 8.56 30.97
C GLU A 213 -33.65 8.68 29.88
N ALA A 214 -34.07 8.84 28.62
CA ALA A 214 -33.14 8.87 27.50
C ALA A 214 -32.11 9.99 27.67
N TYR A 215 -32.57 11.20 27.94
CA TYR A 215 -31.63 12.32 28.05
C TYR A 215 -30.69 12.18 29.22
N LYS A 216 -31.01 11.31 30.19
CA LYS A 216 -30.03 10.98 31.22
C LYS A 216 -28.83 10.27 30.62
N TRP A 217 -29.06 9.42 29.61
CA TRP A 217 -27.96 8.76 28.92
C TRP A 217 -27.26 9.71 27.95
N TYR A 218 -28.02 10.54 27.23
CA TYR A 218 -27.40 11.56 26.38
C TYR A 218 -26.44 12.42 27.20
N GLU A 219 -26.87 12.86 28.38
CA GLU A 219 -25.99 13.64 29.24
C GLU A 219 -24.75 12.85 29.59
N LEU A 220 -24.92 11.58 29.97
CA LEU A 220 -23.76 10.73 30.27
C LEU A 220 -22.85 10.63 29.05
N GLY A 221 -23.43 10.35 27.89
CA GLY A 221 -22.64 10.36 26.67
C GLY A 221 -21.90 11.65 26.45
N HIS A 222 -22.50 12.78 26.86
CA HIS A 222 -21.79 14.06 26.77
C HIS A 222 -20.66 14.12 27.79
N LYS A 223 -20.85 13.51 28.97
CA LYS A 223 -19.81 13.51 29.98
C LYS A 223 -18.60 12.70 29.54
N ARG A 224 -18.83 11.60 28.82
CA ARG A 224 -17.75 10.72 28.38
C ARG A 224 -17.11 11.18 27.08
N GLY A 225 -17.51 12.33 26.55
CA GLY A 225 -16.86 12.90 25.37
C GLY A 225 -17.41 12.44 24.04
N HIS A 226 -18.54 11.74 24.02
CA HIS A 226 -19.09 11.26 22.75
C HIS A 226 -19.84 12.36 22.02
N PHE A 227 -20.67 13.11 22.74
CA PHE A 227 -21.51 14.15 22.15
C PHE A 227 -20.97 15.52 22.54
N ALA A 228 -20.95 16.45 21.57
CA ALA A 228 -20.59 17.83 21.88
C ALA A 228 -21.56 18.45 22.87
N SER A 229 -22.82 18.01 22.86
CA SER A 229 -23.80 18.43 23.83
C SER A 229 -24.95 17.42 23.80
N VAL A 230 -25.93 17.62 24.67
CA VAL A 230 -27.04 16.68 24.75
C VAL A 230 -27.91 16.77 23.52
N TRP A 231 -27.94 17.93 22.86
CA TRP A 231 -28.79 18.13 21.69
C TRP A 231 -28.05 17.87 20.38
N GLN A 232 -26.73 18.04 20.36
CA GLN A 232 -25.92 17.81 19.17
C GLN A 232 -25.19 16.48 19.37
N ARG A 233 -25.77 15.41 18.85
CA ARG A 233 -25.32 14.05 19.15
C ARG A 233 -24.66 13.36 17.96
N SER A 234 -24.17 14.12 16.99
CA SER A 234 -23.38 13.52 15.92
C SER A 234 -22.09 12.95 16.49
N LEU A 235 -21.55 11.94 15.81
CA LEU A 235 -20.36 11.23 16.26
C LEU A 235 -19.13 11.45 15.39
N TYR A 236 -19.33 11.73 14.10
CA TYR A 236 -18.22 12.04 13.19
C TYR A 236 -18.07 13.55 13.17
N ASN A 237 -17.23 14.06 14.06
CA ASN A 237 -17.17 15.49 14.33
C ASN A 237 -15.76 16.04 14.22
N VAL A 238 -15.68 17.29 13.78
CA VAL A 238 -14.50 18.13 13.92
C VAL A 238 -14.79 19.11 15.04
N ASN A 239 -14.02 19.03 16.12
CA ASN A 239 -14.30 19.82 17.31
C ASN A 239 -13.88 21.27 17.09
N GLY A 240 -14.67 22.20 17.62
CA GLY A 240 -14.42 23.62 17.52
C GLY A 240 -15.35 24.35 16.58
N LEU A 241 -16.06 23.63 15.71
CA LEU A 241 -16.94 24.28 14.75
C LEU A 241 -18.12 24.91 15.48
N LYS A 242 -18.40 26.18 15.14
CA LYS A 242 -19.57 26.87 15.65
C LYS A 242 -20.77 25.92 15.62
N ALA A 243 -21.51 25.88 16.73
CA ALA A 243 -22.60 24.92 16.90
C ALA A 243 -23.87 25.67 17.28
N GLN A 244 -24.80 25.77 16.35
CA GLN A 244 -26.09 26.38 16.62
C GLN A 244 -27.14 25.71 15.74
N PRO A 245 -28.38 25.59 16.20
CA PRO A 245 -29.37 24.81 15.45
C PRO A 245 -29.78 25.46 14.13
N TRP A 246 -30.04 26.76 14.14
CA TRP A 246 -30.51 27.48 12.97
C TRP A 246 -29.49 28.53 12.58
N TRP A 247 -29.16 28.60 11.30
CA TRP A 247 -28.26 29.60 10.74
C TRP A 247 -29.03 30.54 9.81
N THR A 248 -28.50 31.73 9.64
CA THR A 248 -28.96 32.61 8.57
C THR A 248 -28.01 32.49 7.39
N PRO A 249 -28.49 32.78 6.18
CA PRO A 249 -27.58 32.76 5.02
C PRO A 249 -26.32 33.58 5.25
N LYS A 250 -26.46 34.78 5.83
CA LYS A 250 -25.30 35.62 6.10
C LYS A 250 -24.34 34.92 7.06
N GLU A 251 -24.88 34.23 8.08
CA GLU A 251 -24.02 33.56 9.04
C GLU A 251 -23.17 32.48 8.39
N THR A 252 -23.68 31.84 7.34
CA THR A 252 -22.94 30.79 6.66
C THR A 252 -21.90 31.35 5.70
N GLY A 253 -22.08 32.58 5.22
CA GLY A 253 -21.24 33.12 4.18
C GLY A 253 -21.52 32.59 2.80
N TYR A 254 -22.45 31.64 2.66
CA TYR A 254 -22.79 31.05 1.36
C TYR A 254 -23.94 31.82 0.70
N THR A 255 -23.82 33.14 0.67
CA THR A 255 -24.95 33.96 0.27
C THR A 255 -25.22 33.90 -1.22
N GLU A 256 -24.19 33.66 -2.04
CA GLU A 256 -24.44 33.51 -3.46
C GLU A 256 -25.16 32.20 -3.77
N LEU A 257 -24.92 31.15 -2.98
CA LEU A 257 -25.68 29.92 -3.16
C LEU A 257 -27.14 30.13 -2.79
N VAL A 258 -27.40 30.76 -1.65
CA VAL A 258 -28.77 31.01 -1.21
C VAL A 258 -29.50 31.87 -2.24
N LYS A 259 -28.85 32.95 -2.69
CA LYS A 259 -29.44 33.78 -3.74
C LYS A 259 -29.75 32.97 -4.98
N SER A 260 -28.81 32.11 -5.40
CA SER A 260 -29.02 31.36 -6.63
C SER A 260 -30.14 30.34 -6.49
N LEU A 261 -30.30 29.75 -5.31
CA LEU A 261 -31.38 28.81 -5.10
C LEU A 261 -32.73 29.53 -5.08
N GLU A 262 -32.79 30.70 -4.43
CA GLU A 262 -34.07 31.39 -4.28
C GLU A 262 -34.50 32.04 -5.59
N ARG A 263 -33.55 32.56 -6.36
CA ARG A 263 -33.90 33.25 -7.59
C ARG A 263 -34.33 32.28 -8.69
N ASN A 264 -33.80 31.06 -8.66
CA ASN A 264 -34.11 30.04 -9.65
C ASN A 264 -35.00 28.94 -9.10
N TRP A 265 -35.75 29.23 -8.03
CA TRP A 265 -36.44 28.16 -7.31
C TRP A 265 -37.49 27.47 -8.19
N LYS A 266 -38.17 28.23 -9.06
CA LYS A 266 -39.20 27.62 -9.90
C LYS A 266 -38.60 26.61 -10.86
N LEU A 267 -37.42 26.90 -11.39
CA LEU A 267 -36.70 25.95 -12.23
C LEU A 267 -36.40 24.67 -11.46
N ILE A 268 -35.88 24.82 -10.24
CA ILE A 268 -35.56 23.65 -9.42
C ILE A 268 -36.82 22.85 -9.15
N ARG A 269 -37.92 23.52 -8.84
CA ARG A 269 -39.19 22.84 -8.63
C ARG A 269 -39.59 22.04 -9.87
N ASP A 270 -39.72 22.73 -11.00
CA ASP A 270 -40.31 22.11 -12.18
C ASP A 270 -39.54 20.86 -12.60
N GLU A 271 -38.21 20.88 -12.49
CA GLU A 271 -37.44 19.69 -12.83
C GLU A 271 -37.70 18.57 -11.83
N GLY A 272 -37.82 18.91 -10.55
CA GLY A 272 -38.22 17.91 -9.57
C GLY A 272 -39.59 17.33 -9.87
N LEU A 273 -40.56 18.20 -10.11
CA LEU A 273 -41.91 17.76 -10.44
C LEU A 273 -41.91 16.88 -11.69
N ALA A 274 -41.10 17.23 -12.68
CA ALA A 274 -41.05 16.42 -13.89
C ALA A 274 -40.54 15.02 -13.61
N VAL A 275 -39.56 14.90 -12.70
CA VAL A 275 -39.07 13.56 -12.34
C VAL A 275 -40.15 12.79 -11.60
N MET A 276 -40.87 13.46 -10.69
CA MET A 276 -42.00 12.83 -10.03
C MET A 276 -42.99 12.26 -11.04
N ASP A 277 -43.38 13.08 -12.02
CA ASP A 277 -44.43 12.67 -12.96
C ASP A 277 -43.94 11.57 -13.90
N LYS A 278 -42.75 11.73 -14.45
CA LYS A 278 -42.27 10.86 -15.52
C LYS A 278 -41.25 9.83 -15.06
N ALA A 279 -40.89 9.80 -13.77
CA ALA A 279 -39.89 8.86 -13.31
C ALA A 279 -39.90 8.73 -11.80
N LYS A 280 -41.04 8.32 -11.23
CA LYS A 280 -41.14 8.14 -9.79
C LYS A 280 -40.07 7.19 -9.27
N GLY A 281 -39.61 6.25 -10.11
CA GLY A 281 -38.62 5.28 -9.68
C GLY A 281 -37.31 5.89 -9.22
N LEU A 282 -37.01 7.13 -9.64
CA LEU A 282 -35.81 7.81 -9.19
C LEU A 282 -35.95 8.37 -7.78
N PHE A 283 -37.18 8.52 -7.29
CA PHE A 283 -37.42 8.88 -5.89
C PHE A 283 -37.44 7.61 -5.05
N LEU A 284 -36.54 7.52 -4.07
CA LEU A 284 -36.35 6.32 -3.27
C LEU A 284 -36.93 6.51 -1.87
N PRO A 285 -37.72 5.56 -1.38
CA PRO A 285 -38.24 5.70 -0.01
C PRO A 285 -37.11 5.87 0.99
N GLU A 286 -37.36 6.70 2.00
CA GLU A 286 -36.43 6.80 3.12
C GLU A 286 -36.25 5.43 3.75
N ASP A 287 -34.99 5.03 3.94
CA ASP A 287 -34.64 3.67 4.35
C ASP A 287 -33.67 3.68 5.53
N GLU A 288 -33.79 4.67 6.41
CA GLU A 288 -32.95 4.75 7.60
C GLU A 288 -33.77 4.63 8.88
N ASN A 289 -35.00 4.12 8.77
CA ASN A 289 -35.85 3.84 9.92
C ASN A 289 -36.16 5.11 10.71
N LEU A 290 -36.28 6.23 10.00
CA LEU A 290 -36.54 7.52 10.62
C LEU A 290 -38.02 7.88 10.66
N ARG A 291 -38.87 7.13 9.97
CA ARG A 291 -40.30 7.42 9.92
C ARG A 291 -41.05 6.65 11.00
N GLU A 292 -41.91 7.36 11.73
CA GLU A 292 -42.93 6.68 12.51
C GLU A 292 -44.08 6.20 11.63
N LYS A 293 -44.36 6.93 10.56
CA LYS A 293 -45.48 6.65 9.67
C LYS A 293 -45.40 7.63 8.50
N GLY A 294 -45.97 7.22 7.36
CA GLY A 294 -46.16 8.10 6.23
C GLY A 294 -45.32 7.71 5.03
N ASP A 295 -45.39 8.57 4.01
CA ASP A 295 -44.66 8.40 2.75
C ASP A 295 -43.59 9.49 2.66
N TRP A 296 -42.35 9.07 2.53
CA TRP A 296 -41.22 9.99 2.45
C TRP A 296 -40.21 9.41 1.46
N SER A 297 -39.90 10.16 0.41
CA SER A 297 -39.00 9.71 -0.64
C SER A 297 -37.99 10.81 -0.95
N GLN A 298 -36.89 10.41 -1.59
CA GLN A 298 -35.81 11.34 -1.89
C GLN A 298 -35.17 10.97 -3.21
N PHE A 299 -34.86 12.00 -4.00
CA PHE A 299 -34.23 11.88 -5.32
C PHE A 299 -32.90 12.62 -5.23
N THR A 300 -31.81 11.88 -5.31
CA THR A 300 -30.48 12.39 -4.91
C THR A 300 -29.66 12.74 -6.14
N LEU A 301 -29.21 14.00 -6.20
CA LEU A 301 -28.36 14.49 -7.29
C LEU A 301 -26.88 14.36 -6.96
N TRP A 302 -26.51 14.55 -5.70
CA TRP A 302 -25.12 14.43 -5.26
C TRP A 302 -25.08 13.64 -3.96
N GLN A 303 -24.05 12.82 -3.82
CA GLN A 303 -23.76 12.14 -2.57
C GLN A 303 -22.26 11.96 -2.48
N GLN A 304 -21.71 12.20 -1.29
CA GLN A 304 -20.26 12.07 -1.05
C GLN A 304 -19.45 12.83 -2.08
N GLY A 305 -19.96 13.98 -2.54
CA GLY A 305 -19.27 14.74 -3.56
C GLY A 305 -19.27 14.11 -4.94
N ARG A 306 -20.00 13.01 -5.12
CA ARG A 306 -20.13 12.36 -6.43
C ARG A 306 -21.44 12.80 -7.07
N ARG A 307 -21.34 13.30 -8.30
CA ARG A 307 -22.52 13.65 -9.10
C ARG A 307 -23.14 12.37 -9.64
N ASN A 308 -24.42 12.14 -9.33
CA ASN A 308 -25.15 11.01 -9.89
C ASN A 308 -25.59 11.37 -11.30
N GLU A 309 -24.94 10.78 -12.31
CA GLU A 309 -25.11 11.23 -13.68
C GLU A 309 -26.52 10.96 -14.20
N ASN A 310 -27.08 9.79 -13.89
CA ASN A 310 -28.41 9.50 -14.38
C ASN A 310 -29.45 10.38 -13.69
N ALA A 311 -29.25 10.67 -12.40
CA ALA A 311 -30.15 11.57 -11.71
C ALA A 311 -30.12 12.97 -12.33
N CYS A 312 -28.92 13.45 -12.69
CA CYS A 312 -28.80 14.77 -13.26
C CYS A 312 -29.32 14.84 -14.70
N LYS A 313 -29.44 13.71 -15.39
CA LYS A 313 -30.12 13.71 -16.68
C LYS A 313 -31.62 14.00 -16.53
N GLY A 314 -32.15 13.89 -15.32
CA GLY A 314 -33.55 14.20 -15.08
C GLY A 314 -33.77 15.60 -14.53
N ALA A 315 -32.70 16.22 -14.04
CA ALA A 315 -32.74 17.59 -13.53
C ALA A 315 -31.50 18.33 -14.03
N PRO A 316 -31.33 18.41 -15.35
CA PRO A 316 -30.01 18.83 -15.88
C PRO A 316 -29.70 20.30 -15.63
N LYS A 317 -30.69 21.19 -15.73
CA LYS A 317 -30.41 22.61 -15.50
C LYS A 317 -30.11 22.89 -14.03
N THR A 318 -30.75 22.14 -13.13
CA THR A 318 -30.46 22.30 -11.71
C THR A 318 -29.04 21.85 -11.38
N CYS A 319 -28.61 20.73 -11.93
CA CYS A 319 -27.24 20.27 -11.67
C CYS A 319 -26.22 21.24 -12.22
N THR A 320 -26.43 21.73 -13.45
CA THR A 320 -25.55 22.73 -14.03
C THR A 320 -25.49 23.96 -13.13
N LEU A 321 -26.66 24.47 -12.73
CA LEU A 321 -26.72 25.58 -11.80
C LEU A 321 -25.83 25.33 -10.58
N LEU A 322 -25.96 24.15 -9.98
CA LEU A 322 -25.25 23.87 -8.74
C LEU A 322 -23.74 23.69 -8.93
N GLU A 323 -23.29 23.32 -10.12
CA GLU A 323 -21.87 23.10 -10.35
C GLU A 323 -21.04 24.34 -10.08
N LYS A 324 -21.64 25.54 -10.14
CA LYS A 324 -20.90 26.76 -9.82
C LYS A 324 -20.62 26.92 -8.33
N PHE A 325 -20.98 25.94 -7.49
CA PHE A 325 -20.89 26.07 -6.05
C PHE A 325 -20.26 24.82 -5.45
N PRO A 326 -18.92 24.75 -5.46
CA PRO A 326 -18.27 23.56 -4.88
C PRO A 326 -18.53 23.38 -3.40
N GLU A 327 -18.89 24.46 -2.68
CA GLU A 327 -19.19 24.33 -1.26
C GLU A 327 -20.28 23.31 -0.99
N THR A 328 -21.10 22.97 -1.99
CA THR A 328 -22.10 21.92 -1.83
C THR A 328 -21.86 20.70 -2.70
N THR A 329 -21.45 20.89 -3.96
CA THR A 329 -21.20 19.72 -4.80
C THR A 329 -19.94 18.99 -4.37
N GLY A 330 -18.99 19.69 -3.79
CA GLY A 330 -17.79 19.09 -3.25
C GLY A 330 -17.90 18.67 -1.80
N CYS A 331 -19.08 18.78 -1.20
CA CYS A 331 -19.27 18.39 0.19
C CYS A 331 -19.37 16.87 0.26
N ARG A 332 -18.26 16.23 0.60
CA ARG A 332 -18.22 14.76 0.63
C ARG A 332 -18.86 14.18 1.89
N ARG A 333 -19.46 15.02 2.74
CA ARG A 333 -20.18 14.54 3.91
C ARG A 333 -21.65 14.98 3.89
N GLY A 334 -22.19 15.32 2.72
CA GLY A 334 -23.59 15.67 2.60
C GLY A 334 -24.15 15.27 1.25
N GLN A 335 -25.39 15.66 0.97
CA GLN A 335 -26.02 15.31 -0.29
C GLN A 335 -26.69 16.55 -0.89
N ILE A 336 -27.13 16.39 -2.14
CA ILE A 336 -28.06 17.31 -2.79
C ILE A 336 -29.21 16.44 -3.29
N LYS A 337 -30.42 16.69 -2.78
CA LYS A 337 -31.52 15.80 -3.12
C LYS A 337 -32.83 16.54 -2.96
N TYR A 338 -33.78 16.20 -3.84
CA TYR A 338 -35.18 16.54 -3.64
C TYR A 338 -35.80 15.65 -2.58
N SER A 339 -36.78 16.18 -1.86
CA SER A 339 -37.40 15.44 -0.76
C SER A 339 -38.89 15.72 -0.79
N ILE A 340 -39.69 14.67 -0.99
CA ILE A 340 -41.14 14.77 -0.98
C ILE A 340 -41.70 14.00 0.21
N MET A 341 -42.65 14.63 0.90
CA MET A 341 -43.31 14.05 2.05
C MET A 341 -44.82 14.23 1.84
N HIS A 342 -45.59 13.18 2.07
CA HIS A 342 -47.02 13.23 1.87
C HIS A 342 -47.75 13.36 3.19
N PRO A 343 -49.04 13.68 3.16
CA PRO A 343 -49.78 13.86 4.42
C PRO A 343 -49.78 12.60 5.27
N GLY A 344 -49.78 12.80 6.59
CA GLY A 344 -49.75 11.71 7.52
C GLY A 344 -48.38 11.19 7.86
N THR A 345 -47.33 11.97 7.66
CA THR A 345 -45.95 11.52 7.87
C THR A 345 -45.37 12.23 9.08
N HIS A 346 -44.90 11.44 10.05
CA HIS A 346 -44.13 11.95 11.18
C HIS A 346 -42.75 11.33 11.15
N VAL A 347 -41.72 12.18 11.24
CA VAL A 347 -40.34 11.72 11.25
C VAL A 347 -39.84 11.77 12.68
N TRP A 348 -39.35 10.63 13.18
CA TRP A 348 -38.80 10.53 14.52
C TRP A 348 -37.76 11.63 14.75
N PRO A 349 -37.63 12.14 15.96
CA PRO A 349 -36.45 12.94 16.29
C PRO A 349 -35.20 12.13 15.99
N HIS A 350 -34.27 12.73 15.24
CA HIS A 350 -33.05 12.06 14.83
C HIS A 350 -31.96 13.09 14.64
N THR A 351 -30.76 12.59 14.33
CA THR A 351 -29.58 13.44 14.18
C THR A 351 -28.76 12.90 13.01
N GLY A 352 -28.07 13.79 12.33
CA GLY A 352 -27.17 13.40 11.27
C GLY A 352 -25.88 12.83 11.80
N PRO A 353 -25.13 12.18 10.91
CA PRO A 353 -23.88 11.55 11.36
C PRO A 353 -22.80 12.54 11.72
N THR A 354 -22.77 13.73 11.10
CA THR A 354 -21.60 14.59 11.16
C THR A 354 -21.97 16.04 11.39
N ASN A 355 -21.14 16.73 12.16
CA ASN A 355 -21.27 18.16 12.40
C ASN A 355 -20.49 18.99 11.39
N CYS A 356 -19.88 18.36 10.39
CA CYS A 356 -19.08 19.04 9.38
C CYS A 356 -19.90 19.58 8.23
N ARG A 357 -21.23 19.50 8.31
CA ARG A 357 -22.09 19.97 7.24
C ARG A 357 -23.20 20.82 7.84
N LEU A 358 -23.68 21.76 7.02
CA LEU A 358 -24.92 22.49 7.28
C LEU A 358 -25.92 22.16 6.18
N ARG A 359 -27.20 22.20 6.52
CA ARG A 359 -28.25 21.69 5.65
C ARG A 359 -29.18 22.82 5.26
N MET A 360 -29.22 23.13 3.96
CA MET A 360 -30.17 24.09 3.43
C MET A 360 -31.40 23.33 2.92
N HIS A 361 -32.58 23.91 3.19
CA HIS A 361 -33.84 23.47 2.59
C HIS A 361 -34.40 24.60 1.76
N LEU A 362 -34.66 24.33 0.48
CA LEU A 362 -35.35 25.27 -0.41
C LEU A 362 -36.77 24.76 -0.62
N GLY A 363 -37.76 25.56 -0.21
CA GLY A 363 -39.14 25.15 -0.36
C GLY A 363 -39.56 25.24 -1.81
N LEU A 364 -40.16 24.17 -2.32
CA LEU A 364 -40.62 24.11 -3.70
C LEU A 364 -42.14 24.06 -3.82
N VAL A 365 -42.79 23.11 -3.13
CA VAL A 365 -44.24 23.06 -3.03
C VAL A 365 -44.58 22.87 -1.56
N ILE A 366 -45.14 23.91 -0.94
CA ILE A 366 -45.40 23.92 0.50
C ILE A 366 -46.89 24.12 0.73
N PRO A 367 -47.65 23.09 1.12
CA PRO A 367 -49.05 23.30 1.47
C PRO A 367 -49.20 24.43 2.48
N LYS A 368 -50.32 25.15 2.39
CA LYS A 368 -50.51 26.34 3.22
C LYS A 368 -50.41 25.99 4.70
N GLU A 369 -50.74 24.77 5.09
CA GLU A 369 -50.68 24.39 6.50
C GLU A 369 -50.30 22.92 6.63
N GLY A 370 -49.90 22.55 7.84
CA GLY A 370 -49.67 21.16 8.20
C GLY A 370 -48.21 20.73 8.23
N CYS A 371 -47.31 21.51 7.62
CA CYS A 371 -45.91 21.12 7.49
C CYS A 371 -45.04 22.02 8.36
N LYS A 372 -44.18 21.40 9.17
CA LYS A 372 -43.26 22.15 10.01
C LYS A 372 -42.07 21.27 10.35
N ILE A 373 -40.96 21.91 10.71
CA ILE A 373 -39.73 21.23 11.06
C ILE A 373 -39.19 21.83 12.35
N ARG A 374 -38.83 20.98 13.30
CA ARG A 374 -38.17 21.39 14.53
C ARG A 374 -36.70 21.01 14.48
N CYS A 375 -35.85 21.93 14.92
CA CYS A 375 -34.45 21.64 15.20
C CYS A 375 -34.14 22.20 16.59
N ALA A 376 -33.76 21.31 17.51
CA ALA A 376 -33.44 21.69 18.88
C ALA A 376 -34.70 22.30 19.50
N ASN A 377 -34.68 23.56 19.95
CA ASN A 377 -35.81 24.15 20.65
C ASN A 377 -36.58 25.16 19.78
N GLU A 378 -36.38 25.13 18.47
CA GLU A 378 -37.07 26.04 17.57
C GLU A 378 -37.76 25.25 16.47
N THR A 379 -39.05 25.53 16.28
CA THR A 379 -39.84 24.96 15.19
C THR A 379 -40.12 26.03 14.16
N LYS A 380 -39.97 25.68 12.88
CA LYS A 380 -40.17 26.61 11.79
C LYS A 380 -40.93 25.91 10.67
N THR A 381 -41.31 26.68 9.66
CA THR A 381 -41.99 26.18 8.48
C THR A 381 -41.19 26.53 7.24
N TRP A 382 -41.56 25.91 6.12
CA TRP A 382 -40.97 26.22 4.83
C TRP A 382 -41.81 27.27 4.10
N GLU A 383 -41.15 27.97 3.18
CA GLU A 383 -41.81 28.91 2.28
C GLU A 383 -41.33 28.65 0.86
N GLU A 384 -42.27 28.60 -0.07
CA GLU A 384 -41.92 28.42 -1.48
C GLU A 384 -40.98 29.53 -1.92
N GLY A 385 -39.86 29.14 -2.51
CA GLY A 385 -38.87 30.08 -2.99
C GLY A 385 -37.92 30.60 -1.93
N LYS A 386 -37.99 30.09 -0.71
CA LYS A 386 -37.19 30.57 0.41
C LYS A 386 -36.33 29.43 0.95
N VAL A 387 -35.18 29.80 1.51
CA VAL A 387 -34.23 28.84 2.07
C VAL A 387 -34.28 28.91 3.58
N LEU A 388 -34.35 27.74 4.21
CA LEU A 388 -34.02 27.56 5.62
C LEU A 388 -32.65 26.91 5.73
N ILE A 389 -31.97 27.16 6.84
CA ILE A 389 -30.64 26.58 7.08
C ILE A 389 -30.57 26.15 8.54
N PHE A 390 -30.41 24.85 8.77
CA PHE A 390 -30.22 24.32 10.11
C PHE A 390 -29.05 23.34 10.10
N ASP A 391 -28.55 23.05 11.29
CA ASP A 391 -27.46 22.11 11.50
C ASP A 391 -28.10 20.79 11.91
N ASP A 392 -28.12 19.83 10.98
CA ASP A 392 -28.85 18.59 11.25
C ASP A 392 -28.09 17.64 12.16
N SER A 393 -26.89 18.02 12.62
CA SER A 393 -26.26 17.30 13.72
C SER A 393 -26.97 17.56 15.05
N PHE A 394 -27.81 18.59 15.10
CA PHE A 394 -28.73 18.76 16.21
C PHE A 394 -29.98 17.91 15.99
N GLU A 395 -30.55 17.42 17.08
CA GLU A 395 -31.82 16.71 17.00
C GLU A 395 -32.85 17.55 16.28
N HIS A 396 -33.57 16.93 15.34
CA HIS A 396 -34.60 17.63 14.59
C HIS A 396 -35.75 16.68 14.31
N GLU A 397 -36.93 17.25 14.08
CA GLU A 397 -38.19 16.51 13.98
C GLU A 397 -39.06 17.17 12.92
N VAL A 398 -39.87 16.36 12.25
CA VAL A 398 -40.63 16.83 11.09
C VAL A 398 -42.02 16.23 11.12
N TRP A 399 -43.01 17.05 10.77
CA TRP A 399 -44.41 16.65 10.68
C TRP A 399 -44.96 17.06 9.33
N GLN A 400 -45.78 16.19 8.74
CA GLN A 400 -46.51 16.49 7.50
C GLN A 400 -47.97 16.17 7.78
N ASP A 401 -48.73 17.16 8.23
CA ASP A 401 -50.14 17.01 8.57
C ASP A 401 -51.00 17.86 7.64
N ALA A 402 -50.61 17.94 6.37
CA ALA A 402 -51.25 18.82 5.40
C ALA A 402 -52.30 18.04 4.59
N SER A 403 -52.89 18.72 3.61
CA SER A 403 -53.89 18.14 2.73
C SER A 403 -53.33 17.63 1.41
N SER A 404 -52.07 17.94 1.10
CA SER A 404 -51.46 17.55 -0.17
C SER A 404 -49.96 17.40 0.07
N PHE A 405 -49.22 17.15 -1.02
CA PHE A 405 -47.82 16.78 -0.89
C PHE A 405 -46.94 18.01 -0.66
N ARG A 406 -45.77 17.77 -0.09
CA ARG A 406 -44.83 18.82 0.25
C ARG A 406 -43.47 18.47 -0.34
N LEU A 407 -42.96 19.33 -1.23
CA LEU A 407 -41.68 19.10 -1.89
C LEU A 407 -40.68 20.16 -1.46
N ILE A 408 -39.47 19.73 -1.12
CA ILE A 408 -38.37 20.65 -0.81
C ILE A 408 -37.13 20.17 -1.56
N PHE A 409 -36.16 21.07 -1.64
CA PHE A 409 -34.83 20.78 -2.18
C PHE A 409 -33.83 20.91 -1.04
N ILE A 410 -33.02 19.87 -0.84
CA ILE A 410 -32.07 19.81 0.26
C ILE A 410 -30.67 19.97 -0.30
N VAL A 411 -29.92 20.92 0.24
CA VAL A 411 -28.58 21.24 -0.26
C VAL A 411 -27.64 21.35 0.94
N ASP A 412 -26.74 20.37 1.07
CA ASP A 412 -25.75 20.35 2.14
C ASP A 412 -24.51 21.12 1.72
N VAL A 413 -23.95 21.89 2.66
CA VAL A 413 -22.70 22.61 2.45
C VAL A 413 -21.73 22.26 3.57
N TRP A 414 -20.44 22.31 3.26
CA TRP A 414 -19.41 22.25 4.30
C TRP A 414 -19.69 23.29 5.37
N HIS A 415 -19.50 22.91 6.63
CA HIS A 415 -19.54 23.90 7.69
C HIS A 415 -18.57 25.03 7.34
N PRO A 416 -19.01 26.30 7.40
CA PRO A 416 -18.17 27.38 6.86
C PRO A 416 -16.82 27.52 7.52
N GLU A 417 -16.71 27.15 8.81
CA GLU A 417 -15.46 27.31 9.53
C GLU A 417 -14.45 26.22 9.24
N LEU A 418 -14.76 25.28 8.35
CA LEU A 418 -13.81 24.25 7.96
C LEU A 418 -12.83 24.80 6.93
N THR A 419 -11.56 24.44 7.09
CA THR A 419 -10.50 24.91 6.21
C THR A 419 -10.51 24.14 4.90
N PRO A 420 -9.88 24.68 3.85
CA PRO A 420 -9.82 23.95 2.58
C PRO A 420 -9.15 22.60 2.69
N GLN A 421 -8.16 22.46 3.57
CA GLN A 421 -7.49 21.17 3.72
C GLN A 421 -8.40 20.14 4.36
N GLN A 422 -9.22 20.57 5.32
CA GLN A 422 -10.18 19.66 5.93
C GLN A 422 -11.27 19.25 4.94
N ARG A 423 -11.65 20.15 4.02
CA ARG A 423 -12.64 19.83 3.00
C ARG A 423 -12.10 18.86 1.96
N ARG A 424 -10.77 18.75 1.84
CA ARG A 424 -10.16 17.81 0.91
C ARG A 424 -9.69 16.54 1.58
N SER A 425 -9.59 16.50 2.91
CA SER A 425 -9.00 15.39 3.63
C SER A 425 -9.99 14.54 4.41
N LEU A 426 -11.04 15.15 4.98
CA LEU A 426 -11.99 14.40 5.77
C LEU A 426 -12.50 13.20 4.97
N PRO A 427 -12.57 12.00 5.56
CA PRO A 427 -13.18 10.89 4.84
C PRO A 427 -14.65 11.18 4.55
N ALA A 428 -15.12 10.63 3.44
CA ALA A 428 -16.49 10.84 3.01
C ALA A 428 -17.47 10.16 3.98
N ILE A 429 -18.68 10.73 4.06
CA ILE A 429 -19.79 10.10 4.77
C ILE A 429 -21.03 10.18 3.88
CA LYS B 1 -3.43 2.00 -35.37
C LYS B 1 -4.34 0.89 -34.85
N PRO B 2 -4.73 0.97 -33.58
CA PRO B 2 -5.64 -0.02 -33.01
C PRO B 2 -7.11 0.38 -33.11
N LYS B 3 -7.98 -0.63 -33.09
CA LYS B 3 -9.42 -0.43 -33.18
C LYS B 3 -9.96 -0.11 -31.79
N LEU B 4 -10.29 1.16 -31.54
CA LEU B 4 -10.69 1.60 -30.22
C LEU B 4 -12.17 1.95 -30.07
N LEU B 5 -12.87 2.23 -31.16
CA LEU B 5 -14.26 2.68 -31.10
C LEU B 5 -15.19 1.52 -31.44
N ASN B 6 -16.11 1.20 -30.54
CA ASN B 6 -17.16 0.25 -30.85
C ASN B 6 -18.22 0.97 -31.70
N LYS B 7 -19.41 0.37 -31.84
CA LYS B 7 -20.33 0.86 -32.86
C LYS B 7 -20.94 2.21 -32.46
N PHE B 8 -21.37 2.35 -31.21
CA PHE B 8 -21.92 3.64 -30.80
C PHE B 8 -20.86 4.74 -30.84
N ASP B 9 -19.63 4.42 -30.39
CA ASP B 9 -18.55 5.40 -30.46
C ASP B 9 -18.29 5.84 -31.89
N LYS B 10 -18.45 4.93 -32.86
CA LYS B 10 -18.29 5.30 -34.25
C LYS B 10 -19.27 6.40 -34.67
N THR B 11 -20.47 6.41 -34.10
CA THR B 11 -21.45 7.43 -34.48
C THR B 11 -21.07 8.80 -33.93
N ILE B 12 -20.40 8.84 -32.78
CA ILE B 12 -20.00 10.10 -32.16
C ILE B 12 -18.50 10.34 -32.32
N LYS B 13 -17.87 9.71 -33.31
CA LYS B 13 -16.44 9.91 -33.52
C LYS B 13 -16.12 11.39 -33.69
N ALA B 14 -17.03 12.17 -34.27
CA ALA B 14 -16.83 13.60 -34.40
C ALA B 14 -16.49 14.23 -33.06
N GLU B 15 -17.36 14.01 -32.06
CA GLU B 15 -17.13 14.59 -30.74
C GLU B 15 -15.87 14.01 -30.10
N LEU B 16 -15.69 12.69 -30.19
CA LEU B 16 -14.53 12.05 -29.58
C LEU B 16 -13.23 12.67 -30.11
N ASP B 17 -13.13 12.83 -31.43
CA ASP B 17 -11.91 13.40 -32.01
C ASP B 17 -11.69 14.83 -31.54
N ALA B 18 -12.75 15.63 -31.51
CA ALA B 18 -12.61 17.01 -31.04
C ALA B 18 -11.99 17.06 -29.65
N ALA B 19 -12.38 16.13 -28.78
CA ALA B 19 -11.81 16.08 -27.43
C ALA B 19 -10.34 15.68 -27.47
N GLU B 20 -10.00 14.66 -28.27
CA GLU B 20 -8.62 14.20 -28.34
C GLU B 20 -7.71 15.26 -28.93
N LYS B 21 -8.17 15.96 -29.97
CA LYS B 21 -7.35 17.02 -30.56
C LYS B 21 -6.95 18.05 -29.51
N LEU B 22 -7.91 18.49 -28.70
CA LEU B 22 -7.60 19.44 -27.63
C LEU B 22 -6.54 18.88 -26.68
N ARG B 23 -6.60 17.58 -26.39
CA ARG B 23 -5.62 16.95 -25.52
C ARG B 23 -4.22 17.01 -26.15
N LYS B 24 -4.07 16.43 -27.34
CA LYS B 24 -2.77 16.33 -27.96
C LYS B 24 -2.13 17.71 -28.14
N ARG B 25 -2.94 18.77 -28.25
CA ARG B 25 -2.41 20.12 -28.37
C ARG B 25 -1.81 20.63 -27.07
N GLY B 26 -1.74 19.81 -26.02
CA GLY B 26 -1.18 20.24 -24.76
C GLY B 26 -2.13 20.98 -23.85
N LYS B 27 -3.34 21.30 -24.32
CA LYS B 27 -4.35 21.94 -23.48
C LYS B 27 -5.10 20.90 -22.66
N ILE B 28 -4.32 20.18 -21.83
CA ILE B 28 -4.89 19.10 -21.02
C ILE B 28 -5.97 19.65 -20.10
N GLU B 29 -5.68 20.75 -19.39
CA GLU B 29 -6.64 21.33 -18.46
C GLU B 29 -8.00 21.52 -19.11
N GLU B 30 -8.02 21.95 -20.37
CA GLU B 30 -9.27 22.14 -21.09
C GLU B 30 -9.82 20.81 -21.61
N ALA B 31 -8.93 19.93 -22.08
CA ALA B 31 -9.38 18.66 -22.63
C ALA B 31 -10.04 17.78 -21.58
N VAL B 32 -9.58 17.88 -20.32
CA VAL B 32 -10.24 17.13 -19.24
C VAL B 32 -11.72 17.45 -19.21
N ASN B 33 -12.05 18.75 -19.22
CA ASN B 33 -13.44 19.16 -19.19
C ASN B 33 -14.19 18.65 -20.42
N ALA B 34 -13.54 18.65 -21.58
CA ALA B 34 -14.19 18.18 -22.80
C ALA B 34 -14.67 16.73 -22.65
N PHE B 35 -13.76 15.82 -22.26
CA PHE B 35 -14.14 14.43 -22.10
C PHE B 35 -15.14 14.25 -20.97
N LYS B 36 -15.01 15.03 -19.90
CA LYS B 36 -15.95 14.94 -18.79
C LYS B 36 -17.38 15.17 -19.26
N GLU B 37 -17.58 16.20 -20.09
CA GLU B 37 -18.91 16.45 -20.65
C GLU B 37 -19.31 15.39 -21.66
N LEU B 38 -18.34 14.70 -22.27
CA LEU B 38 -18.66 13.58 -23.13
C LEU B 38 -19.09 12.37 -22.33
N VAL B 39 -18.54 12.20 -21.12
CA VAL B 39 -18.94 11.09 -20.26
C VAL B 39 -20.37 11.29 -19.76
N ARG B 40 -20.73 12.55 -19.46
CA ARG B 40 -22.11 12.84 -19.07
C ARG B 40 -23.09 12.58 -20.21
N LYS B 41 -22.72 13.00 -21.43
CA LYS B 41 -23.61 12.84 -22.57
C LYS B 41 -23.74 11.36 -22.95
N TYR B 42 -22.68 10.58 -22.78
CA TYR B 42 -22.65 9.16 -23.16
C TYR B 42 -22.10 8.38 -21.98
N PRO B 43 -22.96 8.03 -21.02
CA PRO B 43 -22.47 7.40 -19.77
C PRO B 43 -21.76 6.07 -19.98
N GLN B 44 -22.06 5.33 -21.05
CA GLN B 44 -21.48 4.01 -21.27
C GLN B 44 -20.53 4.00 -22.47
N SER B 45 -19.97 5.14 -22.82
CA SER B 45 -19.06 5.24 -23.97
C SER B 45 -17.65 4.86 -23.54
N PRO B 46 -17.08 3.77 -24.07
CA PRO B 46 -15.73 3.38 -23.62
C PRO B 46 -14.64 4.35 -24.05
N ARG B 47 -14.69 4.85 -25.28
CA ARG B 47 -13.65 5.76 -25.75
C ARG B 47 -13.67 7.06 -24.96
N ALA B 48 -14.86 7.62 -24.72
CA ALA B 48 -14.95 8.88 -23.98
C ALA B 48 -14.35 8.73 -22.59
N ARG B 49 -14.63 7.62 -21.91
CA ARG B 49 -14.10 7.42 -20.57
C ARG B 49 -12.59 7.21 -20.61
N TYR B 50 -12.11 6.38 -21.55
CA TYR B 50 -10.68 6.19 -21.70
C TYR B 50 -9.97 7.51 -21.97
N GLY B 51 -10.59 8.37 -22.78
CA GLY B 51 -10.02 9.69 -23.01
C GLY B 51 -9.99 10.54 -21.77
N LYS B 52 -11.01 10.41 -20.91
CA LYS B 52 -10.97 11.05 -19.60
C LYS B 52 -9.76 10.55 -18.81
N ALA B 53 -9.54 9.24 -18.82
CA ALA B 53 -8.44 8.66 -18.04
C ALA B 53 -7.09 9.09 -18.58
N GLN B 54 -6.97 9.22 -19.91
CA GLN B 54 -5.70 9.66 -20.49
C GLN B 54 -5.42 11.12 -20.14
N CYS B 55 -6.44 11.98 -20.21
CA CYS B 55 -6.28 13.36 -19.78
C CYS B 55 -5.75 13.43 -18.34
N GLU B 56 -6.33 12.64 -17.44
CA GLU B 56 -5.90 12.66 -16.04
C GLU B 56 -4.48 12.15 -15.89
N ASP B 57 -4.09 11.16 -16.69
CA ASP B 57 -2.70 10.71 -16.71
C ASP B 57 -1.77 11.83 -17.15
N ASP B 58 -2.19 12.60 -18.16
CA ASP B 58 -1.41 13.76 -18.58
C ASP B 58 -1.35 14.80 -17.47
N LEU B 59 -2.49 15.11 -16.86
CA LEU B 59 -2.54 16.14 -15.83
C LEU B 59 -1.66 15.77 -14.64
N ALA B 60 -1.60 14.48 -14.31
CA ALA B 60 -0.79 14.04 -13.18
C ALA B 60 0.70 14.26 -13.44
N GLU B 61 1.16 14.01 -14.67
CA GLU B 61 2.56 14.23 -14.99
C GLU B 61 2.87 15.73 -15.08
N LYS B 62 1.95 16.52 -15.63
CA LYS B 62 2.14 17.97 -15.66
C LYS B 62 2.22 18.53 -14.25
N ARG B 63 1.20 18.24 -13.43
CA ARG B 63 1.24 18.64 -12.03
C ARG B 63 2.22 17.83 -11.21
N ARG B 64 2.61 16.64 -11.68
CA ARG B 64 3.46 15.73 -10.92
C ARG B 64 2.79 15.31 -9.61
N SER B 65 1.48 15.06 -9.67
CA SER B 65 0.67 14.81 -8.49
C SER B 65 0.23 13.35 -8.49
N ASN B 66 0.75 12.58 -7.52
CA ASN B 66 0.28 11.21 -7.31
C ASN B 66 -1.23 11.19 -7.13
N GLU B 67 -1.78 12.22 -6.48
CA GLU B 67 -3.22 12.27 -6.24
C GLU B 67 -4.00 12.19 -7.54
N VAL B 68 -3.67 13.07 -8.50
CA VAL B 68 -4.37 13.05 -9.79
C VAL B 68 -4.26 11.67 -10.41
N LEU B 69 -3.06 11.10 -10.43
CA LEU B 69 -2.85 9.82 -11.11
C LEU B 69 -3.76 8.74 -10.54
N ARG B 70 -3.83 8.63 -9.22
CA ARG B 70 -4.76 7.67 -8.60
C ARG B 70 -6.16 7.82 -9.20
N GLY B 71 -6.56 9.05 -9.50
CA GLY B 71 -7.83 9.24 -10.20
C GLY B 71 -7.82 8.60 -11.57
N ALA B 72 -6.75 8.84 -12.34
CA ALA B 72 -6.62 8.20 -13.64
C ALA B 72 -6.67 6.67 -13.51
N ILE B 73 -5.98 6.13 -12.50
CA ILE B 73 -5.96 4.69 -12.30
C ILE B 73 -7.37 4.15 -12.15
N GLU B 74 -8.23 4.86 -11.44
CA GLU B 74 -9.61 4.42 -11.27
C GLU B 74 -10.39 4.56 -12.57
N THR B 75 -10.17 5.65 -13.32
CA THR B 75 -10.91 5.86 -14.55
C THR B 75 -10.56 4.80 -15.60
N TYR B 76 -9.31 4.33 -15.61
CA TYR B 76 -8.96 3.23 -16.50
C TYR B 76 -9.76 1.99 -16.16
N GLN B 77 -9.88 1.67 -14.87
CA GLN B 77 -10.66 0.52 -14.45
C GLN B 77 -12.11 0.65 -14.89
N GLU B 78 -12.70 1.83 -14.68
CA GLU B 78 -14.10 2.04 -15.04
C GLU B 78 -14.37 1.69 -16.49
N VAL B 79 -13.39 1.92 -17.37
CA VAL B 79 -13.57 1.57 -18.78
C VAL B 79 -13.98 0.12 -18.94
N ALA B 80 -13.57 -0.74 -18.00
CA ALA B 80 -13.86 -2.16 -18.12
C ALA B 80 -15.32 -2.47 -17.81
N SER B 81 -15.91 -1.76 -16.84
CA SER B 81 -17.30 -2.01 -16.47
C SER B 81 -18.26 -1.69 -17.61
N LEU B 82 -17.82 -0.94 -18.61
CA LEU B 82 -18.70 -0.47 -19.67
C LEU B 82 -18.99 -1.59 -20.66
N PRO B 83 -20.16 -1.57 -21.30
CA PRO B 83 -20.52 -2.65 -22.21
C PRO B 83 -19.80 -2.55 -23.55
N ASP B 84 -19.38 -3.71 -24.06
CA ASP B 84 -18.92 -3.86 -25.44
C ASP B 84 -17.72 -2.95 -25.73
N VAL B 85 -16.73 -3.00 -24.85
CA VAL B 85 -15.50 -2.24 -25.07
C VAL B 85 -14.60 -3.03 -26.04
N PRO B 86 -14.08 -2.41 -27.09
CA PRO B 86 -13.15 -3.13 -27.98
C PRO B 86 -11.97 -3.68 -27.20
N ALA B 87 -11.53 -4.88 -27.58
CA ALA B 87 -10.44 -5.54 -26.86
C ALA B 87 -9.16 -4.72 -26.95
N ASP B 88 -8.88 -4.12 -28.12
CA ASP B 88 -7.72 -3.25 -28.23
C ASP B 88 -7.76 -2.13 -27.20
N LEU B 89 -8.94 -1.55 -26.99
CA LEU B 89 -9.09 -0.47 -26.01
C LEU B 89 -9.06 -1.01 -24.59
N LEU B 90 -9.64 -2.19 -24.37
CA LEU B 90 -9.66 -2.76 -23.03
C LEU B 90 -8.25 -3.06 -22.55
N LYS B 91 -7.42 -3.65 -23.41
CA LYS B 91 -6.05 -3.96 -23.03
C LYS B 91 -5.27 -2.69 -22.72
N LEU B 92 -5.37 -1.68 -23.59
CA LEU B 92 -4.65 -0.43 -23.36
C LEU B 92 -4.97 0.15 -22.00
N SER B 93 -6.26 0.32 -21.70
CA SER B 93 -6.66 0.97 -20.47
C SER B 93 -6.10 0.25 -19.25
N LEU B 94 -6.34 -1.07 -19.16
CA LEU B 94 -5.89 -1.81 -17.99
C LEU B 94 -4.38 -1.92 -17.94
N LYS B 95 -3.72 -2.12 -19.09
CA LYS B 95 -2.26 -2.15 -19.12
C LYS B 95 -1.69 -0.85 -18.59
N ARG B 96 -2.24 0.28 -19.05
CA ARG B 96 -1.79 1.57 -18.54
C ARG B 96 -2.09 1.70 -17.05
N ARG B 97 -3.19 1.10 -16.59
CA ARG B 97 -3.48 1.08 -15.16
C ARG B 97 -2.38 0.36 -14.40
N SER B 98 -2.09 -0.88 -14.78
CA SER B 98 -1.01 -1.63 -14.14
C SER B 98 0.29 -0.84 -14.15
N ASP B 99 0.59 -0.20 -15.29
CA ASP B 99 1.83 0.57 -15.40
C ASP B 99 1.88 1.68 -14.35
N ARG B 100 0.83 2.50 -14.28
CA ARG B 100 0.82 3.61 -13.34
C ARG B 100 0.82 3.10 -11.90
N GLN B 101 0.10 2.00 -11.64
CA GLN B 101 0.12 1.41 -10.30
C GLN B 101 1.55 1.05 -9.89
N GLN B 102 2.28 0.38 -10.78
CA GLN B 102 3.69 0.10 -10.52
C GLN B 102 4.46 1.38 -10.25
N PHE B 103 4.16 2.44 -11.01
CA PHE B 103 4.88 3.70 -10.84
C PHE B 103 4.67 4.27 -9.44
N LEU B 104 3.48 4.09 -8.88
CA LEU B 104 3.17 4.58 -7.54
C LEU B 104 3.57 3.59 -6.45
N GLY B 105 4.16 2.45 -6.81
CA GLY B 105 4.51 1.44 -5.84
C GLY B 105 3.40 0.47 -5.47
N HIS B 106 2.22 0.60 -6.09
CA HIS B 106 1.11 -0.30 -5.82
C HIS B 106 1.32 -1.60 -6.59
N MET B 107 2.32 -2.37 -6.13
CA MET B 107 2.72 -3.57 -6.84
C MET B 107 1.63 -4.64 -6.79
N ARG B 108 0.95 -4.76 -5.65
CA ARG B 108 -0.10 -5.77 -5.54
C ARG B 108 -1.37 -5.35 -6.29
N GLY B 109 -1.64 -4.05 -6.38
CA GLY B 109 -2.73 -3.59 -7.21
C GLY B 109 -2.47 -3.84 -8.69
N SER B 110 -1.28 -3.46 -9.16
CA SER B 110 -0.88 -3.78 -10.52
C SER B 110 -1.07 -5.26 -10.82
N LEU B 111 -0.56 -6.13 -9.94
CA LEU B 111 -0.71 -7.57 -10.12
C LEU B 111 -2.17 -7.93 -10.30
N LEU B 112 -3.03 -7.47 -9.39
CA LEU B 112 -4.45 -7.76 -9.50
C LEU B 112 -5.00 -7.33 -10.85
N THR B 113 -4.51 -6.21 -11.39
CA THR B 113 -4.91 -5.78 -12.72
C THR B 113 -4.46 -6.79 -13.77
N LEU B 114 -3.20 -7.23 -13.68
CA LEU B 114 -2.70 -8.24 -14.61
C LEU B 114 -3.47 -9.54 -14.46
N GLN B 115 -3.88 -9.88 -13.23
CA GLN B 115 -4.70 -11.06 -13.04
C GLN B 115 -6.01 -10.94 -13.81
N ARG B 116 -6.59 -9.74 -13.85
CA ARG B 116 -7.84 -9.55 -14.56
C ARG B 116 -7.65 -9.59 -16.07
N LEU B 117 -6.59 -8.94 -16.57
CA LEU B 117 -6.30 -8.99 -18.00
C LEU B 117 -6.20 -10.42 -18.49
N VAL B 118 -5.50 -11.27 -17.76
CA VAL B 118 -5.38 -12.68 -18.15
C VAL B 118 -6.74 -13.35 -18.13
N GLN B 119 -7.58 -13.03 -17.13
CA GLN B 119 -8.93 -13.56 -17.11
C GLN B 119 -9.71 -13.12 -18.34
N LEU B 120 -9.57 -11.85 -18.73
CA LEU B 120 -10.34 -11.30 -19.85
C LEU B 120 -9.88 -11.86 -21.19
N PHE B 121 -8.66 -12.35 -21.29
CA PHE B 121 -8.09 -12.80 -22.56
C PHE B 121 -7.31 -14.09 -22.33
N PRO B 122 -8.01 -15.22 -22.24
CA PRO B 122 -7.31 -16.49 -21.97
C PRO B 122 -6.33 -16.88 -23.05
N ASN B 123 -6.43 -16.30 -24.24
CA ASN B 123 -5.61 -16.69 -25.38
C ASN B 123 -4.40 -15.80 -25.58
N ASP B 124 -4.27 -14.72 -24.81
CA ASP B 124 -3.15 -13.80 -24.97
C ASP B 124 -1.97 -14.28 -24.14
N THR B 125 -0.88 -14.65 -24.82
CA THR B 125 0.30 -15.16 -24.14
C THR B 125 1.14 -14.05 -23.54
N SER B 126 1.20 -12.89 -24.21
CA SER B 126 1.97 -11.77 -23.67
C SER B 126 1.44 -11.34 -22.31
N LEU B 127 0.12 -11.29 -22.15
CA LEU B 127 -0.44 -10.90 -20.86
C LEU B 127 0.02 -11.84 -19.76
N LYS B 128 0.04 -13.14 -20.03
CA LYS B 128 0.54 -14.09 -19.04
C LYS B 128 2.00 -13.82 -18.72
N ASN B 129 2.82 -13.55 -19.75
CA ASN B 129 4.21 -13.18 -19.51
C ASN B 129 4.29 -11.94 -18.63
N ASP B 130 3.43 -10.95 -18.87
CA ASP B 130 3.39 -9.76 -18.04
C ASP B 130 2.96 -10.09 -16.62
N LEU B 131 2.10 -11.09 -16.47
CA LEU B 131 1.70 -11.53 -15.13
C LEU B 131 2.88 -12.13 -14.38
N GLY B 132 3.73 -12.88 -15.09
CA GLY B 132 4.90 -13.47 -14.45
C GLY B 132 5.84 -12.41 -13.88
N VAL B 133 5.98 -11.29 -14.58
CA VAL B 133 6.82 -10.21 -14.08
C VAL B 133 6.20 -9.60 -12.83
N GLY B 134 4.88 -9.47 -12.80
CA GLY B 134 4.22 -8.93 -11.62
C GLY B 134 4.52 -9.73 -10.38
N TYR B 135 4.45 -11.06 -10.48
CA TYR B 135 4.76 -11.92 -9.35
C TYR B 135 6.22 -11.79 -8.95
N LEU B 136 7.12 -11.71 -9.93
CA LEU B 136 8.55 -11.63 -9.63
C LEU B 136 8.88 -10.33 -8.92
N LEU B 137 8.23 -9.23 -9.30
CA LEU B 137 8.52 -7.94 -8.68
C LEU B 137 8.18 -7.92 -7.20
N ILE B 138 7.33 -8.83 -6.73
CA ILE B 138 6.96 -8.91 -5.33
C ILE B 138 7.62 -10.09 -4.64
N GLY B 139 8.54 -10.78 -5.32
CA GLY B 139 9.26 -11.90 -4.73
C GLY B 139 8.53 -13.23 -4.78
N ASP B 140 7.36 -13.30 -5.41
CA ASP B 140 6.56 -14.52 -5.44
C ASP B 140 7.01 -15.35 -6.64
N ASN B 141 8.11 -16.08 -6.45
CA ASN B 141 8.67 -16.88 -7.53
C ASN B 141 7.83 -18.12 -7.80
N ASP B 142 7.17 -18.66 -6.78
CA ASP B 142 6.39 -19.89 -6.98
C ASP B 142 5.16 -19.63 -7.83
N ASN B 143 4.46 -18.51 -7.60
CA ASN B 143 3.34 -18.15 -8.47
C ASN B 143 3.82 -17.85 -9.88
N ALA B 144 4.93 -17.11 -10.00
CA ALA B 144 5.49 -16.84 -11.33
C ALA B 144 5.81 -18.13 -12.05
N LYS B 145 6.42 -19.09 -11.35
CA LYS B 145 6.75 -20.38 -11.95
C LYS B 145 5.52 -21.02 -12.58
N LYS B 146 4.41 -21.04 -11.84
CA LYS B 146 3.18 -21.62 -12.37
C LYS B 146 2.72 -20.90 -13.63
N VAL B 147 2.86 -19.57 -13.66
CA VAL B 147 2.44 -18.80 -14.82
C VAL B 147 3.26 -19.20 -16.04
N TYR B 148 4.59 -19.20 -15.90
CA TYR B 148 5.43 -19.43 -17.08
C TYR B 148 5.37 -20.87 -17.55
N GLU B 149 5.09 -21.81 -16.64
CA GLU B 149 4.87 -23.18 -17.07
C GLU B 149 3.60 -23.28 -17.92
N GLU B 150 2.59 -22.47 -17.61
CA GLU B 150 1.40 -22.41 -18.46
C GLU B 150 1.75 -21.90 -19.84
N VAL B 151 2.55 -20.83 -19.92
CA VAL B 151 2.93 -20.27 -21.21
C VAL B 151 3.70 -21.30 -22.04
N LEU B 152 4.58 -22.06 -21.39
CA LEU B 152 5.39 -23.04 -22.13
C LEU B 152 4.56 -24.24 -22.58
N SER B 153 3.47 -24.54 -21.88
CA SER B 153 2.60 -25.63 -22.32
C SER B 153 1.86 -25.25 -23.59
N VAL B 154 1.38 -24.00 -23.66
CA VAL B 154 0.72 -23.52 -24.88
C VAL B 154 1.74 -23.18 -25.95
N THR B 155 2.74 -22.37 -25.59
CA THR B 155 3.76 -21.88 -26.53
C THR B 155 5.12 -22.33 -26.03
N PRO B 156 5.54 -23.56 -26.35
CA PRO B 156 6.83 -24.06 -25.83
C PRO B 156 8.03 -23.28 -26.34
N ASN B 157 7.88 -22.45 -27.37
CA ASN B 157 9.01 -21.75 -27.97
C ASN B 157 9.09 -20.28 -27.58
N ASP B 158 8.17 -19.79 -26.74
CA ASP B 158 8.20 -18.40 -26.30
C ASP B 158 9.52 -18.10 -25.58
N GLY B 159 10.37 -17.28 -26.20
CA GLY B 159 11.67 -17.00 -25.60
C GLY B 159 11.57 -16.20 -24.31
N PHE B 160 10.62 -15.26 -24.24
CA PHE B 160 10.43 -14.48 -23.02
C PHE B 160 10.11 -15.40 -21.84
N ALA B 161 9.31 -16.44 -22.08
CA ALA B 161 8.96 -17.37 -21.00
C ALA B 161 10.14 -18.25 -20.62
N LYS B 162 11.05 -18.53 -21.56
CA LYS B 162 12.17 -19.42 -21.26
C LYS B 162 13.19 -18.73 -20.35
N VAL B 163 13.64 -17.53 -20.73
CA VAL B 163 14.63 -16.83 -19.91
C VAL B 163 14.11 -16.65 -18.49
N HIS B 164 12.85 -16.23 -18.36
CA HIS B 164 12.28 -16.07 -17.02
C HIS B 164 12.16 -17.41 -16.32
N TYR B 165 11.71 -18.44 -17.03
CA TYR B 165 11.65 -19.77 -16.43
C TYR B 165 13.01 -20.23 -15.96
N GLY B 166 14.05 -20.01 -16.79
CA GLY B 166 15.40 -20.32 -16.36
C GLY B 166 15.83 -19.51 -15.15
N PHE B 167 15.45 -18.23 -15.11
CA PHE B 167 15.75 -17.42 -13.94
C PHE B 167 15.16 -18.05 -12.68
N ILE B 168 13.88 -18.43 -12.74
CA ILE B 168 13.21 -18.98 -11.56
C ILE B 168 13.86 -20.30 -11.14
N LEU B 169 14.18 -21.16 -12.11
CA LEU B 169 14.79 -22.45 -11.78
C LEU B 169 16.13 -22.27 -11.08
N LYS B 170 16.98 -21.37 -11.60
CA LYS B 170 18.27 -21.16 -10.97
C LYS B 170 18.10 -20.66 -9.53
N ALA B 171 17.17 -19.73 -9.32
CA ALA B 171 16.92 -19.24 -7.96
C ALA B 171 16.45 -20.36 -7.04
N GLN B 172 15.81 -21.39 -7.59
CA GLN B 172 15.37 -22.54 -6.81
C GLN B 172 16.46 -23.58 -6.63
N ASN B 173 17.72 -23.22 -6.90
CA ASN B 173 18.86 -24.11 -6.81
C ASN B 173 18.89 -25.15 -7.93
N LYS B 174 17.96 -25.06 -8.89
CA LYS B 174 18.00 -25.92 -10.07
C LYS B 174 18.90 -25.25 -11.12
N ILE B 175 20.20 -25.29 -10.84
CA ILE B 175 21.18 -24.60 -11.69
C ILE B 175 21.23 -25.25 -13.07
N ALA B 176 21.53 -26.55 -13.10
CA ALA B 176 21.71 -27.24 -14.38
C ALA B 176 20.44 -27.15 -15.22
N GLU B 177 19.28 -27.22 -14.59
CA GLU B 177 18.02 -27.18 -15.34
C GLU B 177 17.81 -25.83 -16.02
N SER B 178 18.40 -24.76 -15.47
CA SER B 178 18.13 -23.42 -15.98
C SER B 178 18.95 -23.10 -17.23
N ILE B 179 20.11 -23.72 -17.38
CA ILE B 179 20.97 -23.43 -18.53
C ILE B 179 20.22 -23.57 -19.86
N PRO B 180 19.55 -24.70 -20.13
CA PRO B 180 18.91 -24.82 -21.46
C PRO B 180 17.85 -23.76 -21.71
N TYR B 181 17.01 -23.45 -20.72
CA TYR B 181 15.98 -22.44 -20.90
C TYR B 181 16.60 -21.06 -21.12
N LEU B 182 17.64 -20.71 -20.35
CA LEU B 182 18.29 -19.43 -20.54
C LEU B 182 18.98 -19.35 -21.90
N LYS B 183 19.61 -20.44 -22.33
CA LYS B 183 20.24 -20.49 -23.65
C LYS B 183 19.19 -20.27 -24.74
N GLU B 184 18.23 -21.19 -24.84
CA GLU B 184 17.21 -21.10 -25.88
C GLU B 184 16.48 -19.77 -25.84
N GLY B 185 16.07 -19.35 -24.64
CA GLY B 185 15.33 -18.10 -24.52
C GLY B 185 16.09 -16.92 -25.09
N ILE B 186 17.39 -16.85 -24.84
CA ILE B 186 18.20 -15.78 -25.41
C ILE B 186 18.37 -15.99 -26.91
N GLU B 187 18.66 -17.22 -27.33
CA GLU B 187 18.87 -17.50 -28.74
C GLU B 187 17.64 -17.18 -29.57
N SER B 188 16.45 -17.23 -28.96
CA SER B 188 15.22 -16.92 -29.68
C SER B 188 15.18 -15.48 -30.16
N GLY B 189 15.93 -14.58 -29.53
CA GLY B 189 15.93 -13.19 -29.90
C GLY B 189 14.59 -12.53 -29.75
N ASP B 190 13.65 -13.19 -29.07
CA ASP B 190 12.33 -12.61 -28.87
C ASP B 190 12.45 -11.31 -28.08
N PRO B 191 11.43 -10.46 -28.14
CA PRO B 191 11.48 -9.22 -27.36
C PRO B 191 11.55 -9.50 -25.87
N GLY B 192 12.41 -8.75 -25.18
CA GLY B 192 12.63 -8.92 -23.77
C GLY B 192 13.69 -9.95 -23.41
N THR B 193 14.22 -10.67 -24.38
CA THR B 193 15.26 -11.67 -24.11
C THR B 193 16.66 -11.07 -24.08
N ASP B 194 16.92 -10.04 -24.90
CA ASP B 194 18.21 -9.38 -24.94
C ASP B 194 18.40 -8.50 -23.71
N ASP B 195 18.54 -9.13 -22.54
CA ASP B 195 18.68 -8.42 -21.28
C ASP B 195 19.95 -8.91 -20.59
N GLY B 196 20.75 -7.98 -20.07
CA GLY B 196 22.01 -8.35 -19.46
C GLY B 196 21.86 -9.34 -18.32
N ARG B 197 20.74 -9.27 -17.60
CA ARG B 197 20.53 -10.17 -16.47
C ARG B 197 20.52 -11.63 -16.89
N PHE B 198 20.06 -11.91 -18.12
CA PHE B 198 19.99 -13.29 -18.57
C PHE B 198 21.33 -13.79 -19.06
N TYR B 199 22.18 -12.89 -19.56
CA TYR B 199 23.56 -13.28 -19.85
C TYR B 199 24.33 -13.51 -18.56
N PHE B 200 24.09 -12.68 -17.54
CA PHE B 200 24.73 -12.87 -16.24
C PHE B 200 24.38 -14.24 -15.67
N HIS B 201 23.08 -14.56 -15.61
CA HIS B 201 22.67 -15.79 -14.93
C HIS B 201 23.03 -17.03 -15.75
N LEU B 202 22.99 -16.94 -17.08
CA LEU B 202 23.40 -18.07 -17.91
C LEU B 202 24.87 -18.39 -17.71
N GLY B 203 25.74 -17.37 -17.82
CA GLY B 203 27.15 -17.58 -17.59
C GLY B 203 27.45 -18.07 -16.19
N ASP B 204 26.74 -17.55 -15.20
CA ASP B 204 26.93 -17.99 -13.83
C ASP B 204 26.52 -19.45 -13.67
N ALA B 205 25.31 -19.79 -14.11
CA ALA B 205 24.86 -21.18 -14.05
C ALA B 205 25.87 -22.11 -14.71
N MET B 206 26.37 -21.72 -15.88
CA MET B 206 27.30 -22.58 -16.62
C MET B 206 28.61 -22.76 -15.85
N GLN B 207 29.15 -21.67 -15.30
CA GLN B 207 30.41 -21.78 -14.57
C GLN B 207 30.24 -22.61 -13.30
N ARG B 208 29.05 -22.60 -12.70
CA ARG B 208 28.81 -23.37 -11.49
C ARG B 208 28.57 -24.85 -11.78
N VAL B 209 28.33 -25.21 -13.05
CA VAL B 209 28.26 -26.60 -13.47
C VAL B 209 29.52 -27.04 -14.20
N GLY B 210 30.52 -26.16 -14.33
CA GLY B 210 31.74 -26.49 -15.01
C GLY B 210 31.68 -26.44 -16.52
N ASN B 211 30.63 -25.82 -17.07
CA ASN B 211 30.50 -25.69 -18.51
C ASN B 211 31.43 -24.58 -19.00
N LYS B 212 32.30 -24.93 -19.96
CA LYS B 212 33.22 -23.95 -20.52
C LYS B 212 32.51 -22.96 -21.43
N GLU B 213 31.29 -23.28 -21.88
CA GLU B 213 30.55 -22.42 -22.80
C GLU B 213 30.17 -21.09 -22.19
N ALA B 214 30.39 -20.88 -20.88
CA ALA B 214 29.97 -19.66 -20.23
C ALA B 214 30.65 -18.43 -20.82
N TYR B 215 31.91 -18.57 -21.23
CA TYR B 215 32.67 -17.42 -21.73
C TYR B 215 32.25 -17.01 -23.14
N LYS B 216 31.80 -17.96 -23.96
CA LYS B 216 31.21 -17.58 -25.25
C LYS B 216 30.02 -16.64 -25.05
N TRP B 217 29.20 -16.91 -24.03
CA TRP B 217 28.03 -16.09 -23.78
C TRP B 217 28.39 -14.78 -23.10
N TYR B 218 29.50 -14.74 -22.37
CA TYR B 218 30.00 -13.47 -21.85
C TYR B 218 30.51 -12.59 -23.00
N GLU B 219 31.35 -13.15 -23.88
CA GLU B 219 31.76 -12.41 -25.06
C GLU B 219 30.53 -11.94 -25.85
N LEU B 220 29.63 -12.86 -26.15
CA LEU B 220 28.39 -12.50 -26.84
C LEU B 220 27.66 -11.39 -26.09
N GLY B 221 27.70 -11.42 -24.76
CA GLY B 221 27.12 -10.33 -23.99
C GLY B 221 27.85 -9.02 -24.21
N HIS B 222 29.19 -9.07 -24.27
CA HIS B 222 29.97 -7.89 -24.60
C HIS B 222 29.62 -7.36 -25.99
N LYS B 223 29.47 -8.27 -26.96
CA LYS B 223 29.08 -7.85 -28.30
C LYS B 223 27.77 -7.08 -28.28
N ARG B 224 26.81 -7.53 -27.45
CA ARG B 224 25.50 -6.92 -27.38
C ARG B 224 25.42 -5.76 -26.39
N GLY B 225 26.56 -5.25 -25.95
CA GLY B 225 26.57 -4.06 -25.10
C GLY B 225 26.09 -4.27 -23.69
N HIS B 226 26.17 -5.49 -23.16
CA HIS B 226 25.77 -5.76 -21.78
C HIS B 226 26.96 -5.77 -20.82
N PHE B 227 28.16 -6.02 -21.33
CA PHE B 227 29.37 -6.09 -20.52
C PHE B 227 30.47 -5.30 -21.21
N ALA B 228 31.33 -4.66 -20.40
CA ALA B 228 32.44 -3.91 -20.96
C ALA B 228 33.41 -4.81 -21.72
N SER B 229 33.45 -6.10 -21.39
CA SER B 229 34.30 -7.06 -22.08
C SER B 229 33.96 -8.45 -21.55
N VAL B 230 34.71 -9.46 -21.99
CA VAL B 230 34.50 -10.82 -21.53
C VAL B 230 34.70 -10.91 -20.03
N TRP B 231 35.74 -10.26 -19.52
CA TRP B 231 36.10 -10.33 -18.11
C TRP B 231 35.40 -9.27 -17.28
N GLN B 232 35.34 -8.04 -17.78
CA GLN B 232 34.84 -6.91 -17.02
C GLN B 232 33.33 -6.83 -17.18
N ARG B 233 32.59 -7.13 -16.10
CA ARG B 233 31.15 -7.27 -16.18
C ARG B 233 30.43 -6.54 -15.04
N SER B 234 31.06 -5.52 -14.47
CA SER B 234 30.38 -4.72 -13.47
C SER B 234 29.21 -3.97 -14.11
N LEU B 235 28.26 -3.57 -13.26
CA LEU B 235 27.05 -2.89 -13.70
C LEU B 235 27.20 -1.37 -13.70
N TYR B 236 27.57 -0.79 -12.55
CA TYR B 236 27.60 0.66 -12.37
C TYR B 236 29.00 1.16 -12.70
N ASN B 237 29.17 1.70 -13.90
CA ASN B 237 30.47 2.01 -14.43
C ASN B 237 30.56 3.49 -14.83
N VAL B 238 31.79 3.95 -15.00
CA VAL B 238 32.10 5.25 -15.57
C VAL B 238 32.94 5.02 -16.82
N ASN B 239 32.66 5.79 -17.87
CA ASN B 239 33.30 5.59 -19.15
C ASN B 239 34.74 6.10 -19.12
N GLY B 240 35.62 5.38 -19.82
CA GLY B 240 36.97 5.85 -20.07
C GLY B 240 38.01 5.40 -19.07
N LEU B 241 37.62 4.87 -17.92
CA LEU B 241 38.59 4.48 -16.90
C LEU B 241 39.45 3.33 -17.39
N LYS B 242 40.77 3.46 -17.20
CA LYS B 242 41.69 2.40 -17.57
C LYS B 242 41.22 1.08 -16.99
N ALA B 243 41.17 0.05 -17.84
CA ALA B 243 40.63 -1.24 -17.47
C ALA B 243 41.69 -2.30 -17.72
N GLN B 244 42.24 -2.85 -16.64
CA GLN B 244 43.16 -3.97 -16.74
C GLN B 244 43.07 -4.79 -15.45
N PRO B 245 43.32 -6.10 -15.51
CA PRO B 245 43.06 -6.93 -14.33
C PRO B 245 43.94 -6.60 -13.14
N TRP B 246 45.25 -6.52 -13.33
CA TRP B 246 46.20 -6.37 -12.24
C TRP B 246 46.96 -5.06 -12.36
N TRP B 247 47.05 -4.34 -11.26
CA TRP B 247 47.73 -3.05 -11.20
C TRP B 247 48.94 -3.14 -10.29
N THR B 248 49.93 -2.36 -10.59
CA THR B 248 51.02 -2.17 -9.66
C THR B 248 50.76 -0.91 -8.84
N PRO B 249 51.31 -0.83 -7.62
CA PRO B 249 51.17 0.40 -6.84
C PRO B 249 51.57 1.65 -7.61
N LYS B 250 52.64 1.55 -8.42
CA LYS B 250 53.08 2.70 -9.21
C LYS B 250 52.01 3.10 -10.23
N GLU B 251 51.42 2.11 -10.92
CA GLU B 251 50.38 2.42 -11.89
C GLU B 251 49.18 3.12 -11.26
N THR B 252 48.95 2.87 -9.96
CA THR B 252 47.80 3.46 -9.29
C THR B 252 48.08 4.86 -8.76
N GLY B 253 49.34 5.21 -8.51
CA GLY B 253 49.68 6.46 -7.88
C GLY B 253 49.52 6.48 -6.38
N TYR B 254 48.87 5.48 -5.80
CA TYR B 254 48.65 5.39 -4.36
C TYR B 254 49.84 4.78 -3.63
N THR B 255 51.05 5.28 -3.92
CA THR B 255 52.25 4.67 -3.37
C THR B 255 52.32 4.83 -1.86
N GLU B 256 51.99 6.01 -1.34
CA GLU B 256 52.11 6.23 0.10
C GLU B 256 51.14 5.35 0.88
N LEU B 257 49.94 5.12 0.32
CA LEU B 257 49.02 4.17 0.94
C LEU B 257 49.64 2.78 0.98
N VAL B 258 50.13 2.30 -0.16
CA VAL B 258 50.76 0.98 -0.22
C VAL B 258 51.95 0.90 0.72
N LYS B 259 52.80 1.94 0.71
CA LYS B 259 53.97 1.94 1.57
C LYS B 259 53.57 1.84 3.04
N SER B 260 52.57 2.61 3.45
CA SER B 260 52.14 2.58 4.85
C SER B 260 51.56 1.22 5.20
N LEU B 261 50.77 0.63 4.30
CA LEU B 261 50.20 -0.69 4.55
C LEU B 261 51.30 -1.72 4.75
N GLU B 262 52.28 -1.74 3.83
CA GLU B 262 53.34 -2.74 3.88
C GLU B 262 54.29 -2.51 5.05
N ARG B 263 54.66 -1.26 5.31
CA ARG B 263 55.62 -0.99 6.37
C ARG B 263 55.05 -1.27 7.76
N ASN B 264 53.72 -1.20 7.90
CA ASN B 264 53.05 -1.43 9.17
C ASN B 264 52.16 -2.67 9.13
N TRP B 265 52.55 -3.67 8.34
CA TRP B 265 51.66 -4.81 8.11
C TRP B 265 51.52 -5.66 9.37
N LYS B 266 52.60 -5.85 10.12
CA LYS B 266 52.52 -6.65 11.34
C LYS B 266 51.55 -6.03 12.33
N LEU B 267 51.55 -4.70 12.42
CA LEU B 267 50.60 -4.01 13.27
C LEU B 267 49.17 -4.33 12.86
N ILE B 268 48.91 -4.30 11.56
CA ILE B 268 47.56 -4.56 11.06
C ILE B 268 47.20 -6.02 11.31
N ARG B 269 48.14 -6.93 11.07
CA ARG B 269 47.92 -8.34 11.37
C ARG B 269 47.50 -8.53 12.82
N ASP B 270 48.32 -8.07 13.75
CA ASP B 270 48.11 -8.38 15.16
C ASP B 270 46.74 -7.91 15.63
N GLU B 271 46.32 -6.72 15.22
CA GLU B 271 44.99 -6.23 15.62
C GLU B 271 43.89 -7.10 15.03
N GLY B 272 44.09 -7.59 13.80
CA GLY B 272 43.14 -8.53 13.23
C GLY B 272 43.12 -9.85 13.98
N LEU B 273 44.29 -10.38 14.32
CA LEU B 273 44.35 -11.63 15.08
C LEU B 273 43.74 -11.47 16.47
N ALA B 274 43.93 -10.31 17.09
CA ALA B 274 43.35 -10.09 18.41
C ALA B 274 41.83 -10.05 18.34
N VAL B 275 41.26 -9.53 17.24
CA VAL B 275 39.82 -9.57 17.07
C VAL B 275 39.33 -11.01 16.90
N MET B 276 40.06 -11.81 16.12
CA MET B 276 39.70 -13.22 15.98
C MET B 276 39.71 -13.92 17.33
N ASP B 277 40.85 -13.88 18.02
CA ASP B 277 41.01 -14.63 19.26
C ASP B 277 39.98 -14.20 20.30
N LYS B 278 39.89 -12.89 20.56
CA LYS B 278 39.04 -12.40 21.63
C LYS B 278 37.60 -12.22 21.14
N ALA B 279 37.41 -11.38 20.13
CA ALA B 279 36.07 -11.00 19.67
C ALA B 279 35.49 -12.11 18.81
N LYS B 280 35.03 -13.16 19.49
CA LYS B 280 34.20 -14.17 18.84
C LYS B 280 32.89 -13.52 18.39
N GLY B 281 32.70 -13.40 17.07
CA GLY B 281 31.48 -12.84 16.53
C GLY B 281 31.70 -11.69 15.59
N LEU B 282 32.79 -10.93 15.78
CA LEU B 282 33.00 -9.73 14.98
C LEU B 282 33.27 -10.05 13.52
N PHE B 283 33.87 -11.20 13.23
CA PHE B 283 34.02 -11.65 11.86
C PHE B 283 32.71 -12.28 11.40
N LEU B 284 32.16 -11.79 10.28
CA LEU B 284 30.85 -12.19 9.80
C LEU B 284 30.97 -13.02 8.52
N PRO B 285 30.13 -14.03 8.33
CA PRO B 285 30.19 -14.82 7.09
C PRO B 285 30.05 -13.92 5.87
N GLU B 286 30.74 -14.30 4.81
CA GLU B 286 30.70 -13.54 3.57
C GLU B 286 29.52 -13.98 2.71
N ASP B 287 29.38 -13.33 1.56
CA ASP B 287 28.32 -13.66 0.60
C ASP B 287 28.20 -15.16 0.43
N GLU B 288 27.08 -15.74 0.89
CA GLU B 288 26.90 -17.19 0.74
C GLU B 288 26.72 -17.58 -0.71
N ASN B 289 26.23 -16.67 -1.55
CA ASN B 289 26.07 -16.99 -2.96
C ASN B 289 27.40 -17.30 -3.62
N LEU B 290 28.46 -16.62 -3.20
CA LEU B 290 29.77 -16.78 -3.81
C LEU B 290 30.53 -17.99 -3.25
N ARG B 291 30.14 -18.47 -2.08
CA ARG B 291 30.87 -19.53 -1.39
C ARG B 291 30.35 -20.88 -1.87
N GLU B 292 31.12 -21.57 -2.72
CA GLU B 292 30.78 -22.95 -3.05
C GLU B 292 30.86 -23.83 -1.82
N LYS B 293 31.87 -23.61 -0.98
CA LYS B 293 32.15 -24.47 0.16
C LYS B 293 33.14 -23.76 1.06
N GLY B 294 33.32 -24.31 2.26
CA GLY B 294 34.33 -23.82 3.17
C GLY B 294 33.81 -22.76 4.13
N ASP B 295 34.77 -22.04 4.71
CA ASP B 295 34.50 -21.03 5.74
C ASP B 295 35.24 -19.76 5.35
N TRP B 296 34.48 -18.67 5.22
CA TRP B 296 35.01 -17.41 4.71
C TRP B 296 34.24 -16.28 5.37
N SER B 297 34.95 -15.36 6.02
CA SER B 297 34.30 -14.32 6.79
C SER B 297 35.17 -13.06 6.80
N GLN B 298 34.53 -11.94 7.15
CA GLN B 298 35.16 -10.64 7.03
C GLN B 298 34.85 -9.79 8.26
N PHE B 299 35.74 -8.83 8.52
CA PHE B 299 35.63 -7.89 9.64
C PHE B 299 35.83 -6.50 9.06
N THR B 300 34.74 -5.77 8.88
CA THR B 300 34.74 -4.52 8.12
C THR B 300 35.07 -3.35 9.02
N LEU B 301 35.97 -2.49 8.55
CA LEU B 301 36.30 -1.24 9.22
C LEU B 301 35.63 -0.04 8.59
N TRP B 302 35.60 0.02 7.26
CA TRP B 302 34.95 1.09 6.51
C TRP B 302 34.02 0.47 5.48
N GLN B 303 32.82 1.01 5.38
CA GLN B 303 31.82 0.54 4.41
C GLN B 303 31.33 1.75 3.62
N GLN B 304 31.71 1.82 2.35
CA GLN B 304 31.25 2.85 1.44
C GLN B 304 31.41 4.24 2.07
N GLY B 305 32.60 4.49 2.63
CA GLY B 305 32.96 5.79 3.13
C GLY B 305 32.56 6.08 4.56
N ARG B 306 31.89 5.14 5.23
CA ARG B 306 31.46 5.32 6.61
C ARG B 306 32.32 4.43 7.51
N ARG B 307 32.96 5.05 8.50
CA ARG B 307 33.78 4.30 9.46
C ARG B 307 32.87 3.55 10.43
N ASN B 308 33.28 2.33 10.77
CA ASN B 308 32.56 1.53 11.76
C ASN B 308 33.24 1.75 13.10
N GLU B 309 32.67 2.63 13.92
CA GLU B 309 33.33 3.06 15.15
C GLU B 309 33.66 1.87 16.04
N ASN B 310 32.69 0.98 16.27
CA ASN B 310 32.95 -0.17 17.13
C ASN B 310 34.09 -1.02 16.58
N ALA B 311 34.10 -1.24 15.26
CA ALA B 311 35.19 -1.99 14.67
C ALA B 311 36.53 -1.31 14.91
N CYS B 312 36.57 0.02 14.76
CA CYS B 312 37.81 0.74 14.97
C CYS B 312 38.22 0.81 16.44
N LYS B 313 37.27 0.63 17.35
CA LYS B 313 37.64 0.45 18.75
C LYS B 313 38.43 -0.83 18.98
N GLY B 314 38.30 -1.80 18.07
CA GLY B 314 39.03 -3.05 18.18
C GLY B 314 40.30 -3.09 17.36
N ALA B 315 40.40 -2.22 16.34
CA ALA B 315 41.61 -2.07 15.54
C ALA B 315 41.98 -0.59 15.47
N PRO B 316 42.23 0.04 16.62
CA PRO B 316 42.46 1.50 16.60
C PRO B 316 43.68 1.92 15.81
N LYS B 317 44.82 1.27 16.00
CA LYS B 317 46.03 1.71 15.32
C LYS B 317 45.91 1.53 13.82
N THR B 318 45.20 0.48 13.37
CA THR B 318 44.97 0.30 11.95
C THR B 318 44.07 1.39 11.38
N CYS B 319 43.05 1.80 12.14
CA CYS B 319 42.16 2.86 11.66
C CYS B 319 42.89 4.21 11.65
N THR B 320 43.63 4.53 12.71
CA THR B 320 44.47 5.72 12.72
C THR B 320 45.35 5.79 11.48
N LEU B 321 46.02 4.69 11.17
CA LEU B 321 46.86 4.64 9.97
C LEU B 321 46.06 4.97 8.72
N LEU B 322 44.81 4.51 8.65
CA LEU B 322 44.00 4.66 7.45
C LEU B 322 43.38 6.05 7.33
N GLU B 323 43.20 6.76 8.45
CA GLU B 323 42.64 8.11 8.40
C GLU B 323 43.45 9.01 7.49
N LYS B 324 44.74 8.73 7.30
CA LYS B 324 45.60 9.60 6.52
C LYS B 324 45.30 9.56 5.03
N PHE B 325 44.51 8.59 4.56
CA PHE B 325 44.34 8.35 3.12
C PHE B 325 42.87 8.38 2.74
N PRO B 326 42.30 9.58 2.50
CA PRO B 326 40.89 9.65 2.11
C PRO B 326 40.55 8.90 0.83
N GLU B 327 41.54 8.60 -0.01
CA GLU B 327 41.27 7.88 -1.24
C GLU B 327 40.63 6.51 -1.00
N THR B 328 40.82 5.94 0.19
CA THR B 328 40.19 4.68 0.56
C THR B 328 39.12 4.83 1.61
N THR B 329 39.36 5.64 2.66
CA THR B 329 38.35 5.82 3.69
C THR B 329 37.14 6.59 3.17
N GLY B 330 37.30 7.35 2.08
CA GLY B 330 36.20 8.12 1.54
C GLY B 330 35.67 7.55 0.25
N CYS B 331 36.02 6.30 -0.05
CA CYS B 331 35.54 5.63 -1.25
C CYS B 331 34.12 5.11 -0.99
N ARG B 332 33.13 5.84 -1.50
CA ARG B 332 31.74 5.45 -1.34
C ARG B 332 31.38 4.20 -2.13
N ARG B 333 32.28 3.72 -2.98
CA ARG B 333 32.06 2.50 -3.75
C ARG B 333 33.07 1.42 -3.38
N GLY B 334 33.56 1.45 -2.14
CA GLY B 334 34.56 0.50 -1.70
C GLY B 334 34.42 0.17 -0.23
N GLN B 335 35.32 -0.69 0.24
CA GLN B 335 35.31 -1.15 1.62
C GLN B 335 36.74 -1.27 2.12
N ILE B 336 36.86 -1.34 3.44
CA ILE B 336 38.09 -1.73 4.11
C ILE B 336 37.72 -2.82 5.11
N LYS B 337 38.30 -4.00 4.94
CA LYS B 337 37.90 -5.11 5.80
C LYS B 337 39.02 -6.14 5.89
N TYR B 338 39.07 -6.81 7.03
CA TYR B 338 39.80 -8.06 7.12
C TYR B 338 38.98 -9.17 6.48
N SER B 339 39.69 -10.14 5.88
CA SER B 339 39.03 -11.27 5.26
C SER B 339 39.80 -12.52 5.63
N ILE B 340 39.13 -13.47 6.30
CA ILE B 340 39.74 -14.73 6.72
C ILE B 340 39.08 -15.86 5.94
N MET B 341 39.90 -16.75 5.39
CA MET B 341 39.43 -17.88 4.61
C MET B 341 40.16 -19.14 5.09
N HIS B 342 39.40 -20.20 5.37
CA HIS B 342 39.95 -21.42 5.92
C HIS B 342 40.09 -22.48 4.85
N PRO B 343 40.86 -23.54 5.12
CA PRO B 343 41.07 -24.57 4.09
C PRO B 343 39.76 -25.20 3.64
N GLY B 344 39.75 -25.65 2.38
CA GLY B 344 38.55 -26.22 1.81
C GLY B 344 37.54 -25.20 1.35
N THR B 345 37.97 -23.99 1.01
CA THR B 345 37.09 -22.93 0.57
C THR B 345 37.37 -22.61 -0.89
N HIS B 346 36.32 -22.52 -1.69
CA HIS B 346 36.41 -22.08 -3.08
C HIS B 346 35.33 -21.04 -3.31
N VAL B 347 35.73 -19.89 -3.84
CA VAL B 347 34.81 -18.80 -4.14
C VAL B 347 34.57 -18.79 -5.65
N TRP B 348 33.30 -18.81 -6.06
CA TRP B 348 32.96 -18.87 -7.46
C TRP B 348 33.56 -17.69 -8.21
N PRO B 349 33.76 -17.82 -9.53
CA PRO B 349 34.08 -16.65 -10.34
C PRO B 349 32.98 -15.62 -10.21
N HIS B 350 33.35 -14.39 -9.91
CA HIS B 350 32.37 -13.33 -9.75
C HIS B 350 33.01 -12.00 -10.10
N THR B 351 32.17 -10.98 -10.16
CA THR B 351 32.56 -9.62 -10.46
C THR B 351 32.02 -8.71 -9.36
N GLY B 352 32.72 -7.60 -9.13
CA GLY B 352 32.21 -6.56 -8.26
C GLY B 352 31.23 -5.68 -8.98
N PRO B 353 30.56 -4.81 -8.23
CA PRO B 353 29.46 -4.01 -8.82
C PRO B 353 29.89 -2.78 -9.61
N THR B 354 31.16 -2.38 -9.57
CA THR B 354 31.55 -1.13 -10.20
C THR B 354 33.00 -1.17 -10.67
N ASN B 355 33.28 -0.41 -11.72
CA ASN B 355 34.64 -0.21 -12.21
C ASN B 355 35.28 1.04 -11.64
N CYS B 356 34.67 1.65 -10.64
CA CYS B 356 35.17 2.89 -10.05
C CYS B 356 36.08 2.67 -8.86
N ARG B 357 36.53 1.43 -8.63
CA ARG B 357 37.41 1.14 -7.51
C ARG B 357 38.47 0.15 -7.94
N LEU B 358 39.64 0.27 -7.33
CA LEU B 358 40.65 -0.78 -7.36
C LEU B 358 40.70 -1.44 -5.98
N ARG B 359 41.03 -2.72 -5.98
CA ARG B 359 40.98 -3.53 -4.77
C ARG B 359 42.40 -3.94 -4.40
N MET B 360 42.87 -3.47 -3.24
CA MET B 360 44.17 -3.85 -2.70
C MET B 360 44.00 -4.98 -1.69
N HIS B 361 44.94 -5.93 -1.73
CA HIS B 361 45.01 -7.03 -0.78
C HIS B 361 46.37 -7.00 -0.10
N LEU B 362 46.37 -6.83 1.22
CA LEU B 362 47.60 -6.90 2.01
C LEU B 362 47.65 -8.27 2.69
N GLY B 363 48.72 -9.02 2.42
CA GLY B 363 48.88 -10.33 3.05
C GLY B 363 49.26 -10.19 4.52
N LEU B 364 48.53 -10.88 5.39
CA LEU B 364 48.78 -10.84 6.83
C LEU B 364 49.18 -12.21 7.37
N VAL B 365 48.37 -13.24 7.17
CA VAL B 365 48.72 -14.61 7.49
C VAL B 365 48.48 -15.43 6.23
N ILE B 366 49.55 -15.90 5.61
CA ILE B 366 49.48 -16.60 4.33
C ILE B 366 50.19 -17.94 4.43
N PRO B 367 49.48 -19.07 4.51
CA PRO B 367 50.16 -20.37 4.43
C PRO B 367 51.05 -20.45 3.19
N LYS B 368 52.14 -21.20 3.32
CA LYS B 368 53.13 -21.28 2.24
C LYS B 368 52.57 -21.88 0.96
N GLU B 369 51.38 -22.49 0.99
CA GLU B 369 50.82 -23.03 -0.24
C GLU B 369 49.33 -23.28 -0.06
N GLY B 370 48.64 -23.45 -1.19
CA GLY B 370 47.24 -23.74 -1.22
C GLY B 370 46.34 -22.55 -1.46
N CYS B 371 46.84 -21.34 -1.27
CA CYS B 371 46.06 -20.12 -1.43
C CYS B 371 46.44 -19.42 -2.73
N LYS B 372 45.44 -19.07 -3.53
CA LYS B 372 45.69 -18.37 -4.78
C LYS B 372 44.41 -17.66 -5.23
N ILE B 373 44.61 -16.61 -6.02
CA ILE B 373 43.51 -15.80 -6.54
C ILE B 373 43.74 -15.60 -8.03
N ARG B 374 42.69 -15.85 -8.82
CA ARG B 374 42.72 -15.55 -10.24
C ARG B 374 41.89 -14.30 -10.50
N CYS B 375 42.40 -13.43 -11.37
CA CYS B 375 41.64 -12.32 -11.92
C CYS B 375 41.89 -12.30 -13.42
N ALA B 376 40.83 -12.48 -14.20
CA ALA B 376 40.93 -12.58 -15.66
C ALA B 376 41.75 -13.82 -16.00
N ASN B 377 42.91 -13.69 -16.64
CA ASN B 377 43.70 -14.85 -17.06
C ASN B 377 44.86 -15.16 -16.13
N GLU B 378 45.37 -14.19 -15.38
CA GLU B 378 46.51 -14.40 -14.51
C GLU B 378 46.07 -14.90 -13.14
N THR B 379 46.87 -15.78 -12.55
CA THR B 379 46.64 -16.29 -11.21
C THR B 379 47.85 -15.97 -10.35
N LYS B 380 47.62 -15.31 -9.23
CA LYS B 380 48.69 -14.87 -8.33
C LYS B 380 48.45 -15.44 -6.93
N THR B 381 49.41 -15.18 -6.05
CA THR B 381 49.30 -15.56 -4.65
C THR B 381 49.67 -14.36 -3.79
N TRP B 382 49.20 -14.39 -2.55
CA TRP B 382 49.53 -13.35 -1.59
C TRP B 382 50.90 -13.61 -0.97
N GLU B 383 51.51 -12.52 -0.49
CA GLU B 383 52.73 -12.60 0.31
C GLU B 383 52.51 -11.80 1.57
N GLU B 384 52.89 -12.36 2.71
CA GLU B 384 52.77 -11.66 3.97
C GLU B 384 53.51 -10.34 3.92
N GLY B 385 52.81 -9.25 4.19
CA GLY B 385 53.40 -7.92 4.20
C GLY B 385 53.45 -7.22 2.87
N LYS B 386 52.93 -7.83 1.81
CA LYS B 386 52.94 -7.23 0.48
C LYS B 386 51.50 -7.03 0.00
N VAL B 387 51.35 -6.08 -0.92
CA VAL B 387 50.04 -5.67 -1.43
C VAL B 387 49.88 -6.15 -2.86
N LEU B 388 48.78 -6.85 -3.12
CA LEU B 388 48.30 -7.11 -4.47
C LEU B 388 47.22 -6.10 -4.83
N ILE B 389 47.15 -5.74 -6.10
CA ILE B 389 46.15 -4.78 -6.59
C ILE B 389 45.52 -5.34 -7.86
N PHE B 390 44.22 -5.59 -7.81
CA PHE B 390 43.47 -5.99 -8.99
C PHE B 390 42.21 -5.15 -9.10
N ASP B 391 41.63 -5.17 -10.30
CA ASP B 391 40.36 -4.51 -10.58
C ASP B 391 39.27 -5.57 -10.44
N ASP B 392 38.56 -5.53 -9.31
CA ASP B 392 37.58 -6.58 -9.04
C ASP B 392 36.29 -6.41 -9.83
N SER B 393 36.21 -5.39 -10.69
CA SER B 393 35.19 -5.38 -11.74
C SER B 393 35.48 -6.44 -12.79
N PHE B 394 36.69 -6.99 -12.80
CA PHE B 394 37.05 -8.13 -13.63
C PHE B 394 36.74 -9.42 -12.90
N GLU B 395 36.34 -10.44 -13.66
CA GLU B 395 36.03 -11.73 -13.07
C GLU B 395 37.22 -12.27 -12.31
N HIS B 396 37.03 -12.56 -11.02
CA HIS B 396 38.09 -13.14 -10.22
C HIS B 396 37.54 -14.33 -9.44
N GLU B 397 38.45 -15.24 -9.10
CA GLU B 397 38.11 -16.49 -8.43
C GLU B 397 39.18 -16.78 -7.39
N VAL B 398 38.80 -17.51 -6.33
CA VAL B 398 39.70 -17.77 -5.21
C VAL B 398 39.59 -19.22 -4.77
N TRP B 399 40.73 -19.76 -4.33
CA TRP B 399 40.81 -21.10 -3.74
C TRP B 399 41.61 -21.02 -2.45
N GLN B 400 41.24 -21.88 -1.49
CA GLN B 400 41.97 -22.02 -0.23
C GLN B 400 42.08 -23.51 0.05
N ASP B 401 43.23 -24.11 -0.28
CA ASP B 401 43.48 -25.52 -0.06
C ASP B 401 44.71 -25.73 0.81
N ALA B 402 44.98 -24.79 1.72
CA ALA B 402 46.13 -24.90 2.61
C ALA B 402 45.82 -25.87 3.75
N SER B 403 46.61 -25.82 4.81
CA SER B 403 46.33 -26.59 6.02
C SER B 403 46.04 -25.69 7.21
N SER B 404 46.05 -24.37 7.04
CA SER B 404 45.74 -23.44 8.10
C SER B 404 45.03 -22.24 7.49
N PHE B 405 44.63 -21.30 8.34
CA PHE B 405 43.79 -20.20 7.90
C PHE B 405 44.62 -19.14 7.16
N ARG B 406 43.94 -18.39 6.30
CA ARG B 406 44.56 -17.32 5.52
C ARG B 406 43.84 -16.02 5.84
N LEU B 407 44.59 -15.03 6.33
CA LEU B 407 44.07 -13.73 6.70
C LEU B 407 44.68 -12.67 5.80
N ILE B 408 43.83 -11.81 5.22
CA ILE B 408 44.27 -10.72 4.39
C ILE B 408 43.53 -9.46 4.79
N PHE B 409 44.06 -8.32 4.36
CA PHE B 409 43.46 -7.01 4.61
C PHE B 409 43.09 -6.41 3.26
N ILE B 410 41.82 -6.07 3.10
CA ILE B 410 41.29 -5.62 1.82
C ILE B 410 41.04 -4.13 1.93
N VAL B 411 41.63 -3.37 1.00
CA VAL B 411 41.55 -1.90 1.02
C VAL B 411 41.17 -1.43 -0.38
N ASP B 412 39.97 -0.87 -0.50
CA ASP B 412 39.52 -0.31 -1.77
C ASP B 412 39.89 1.17 -1.90
N VAL B 413 40.21 1.57 -3.12
CA VAL B 413 40.52 2.96 -3.44
C VAL B 413 39.74 3.35 -4.68
N TRP B 414 39.49 4.65 -4.83
CA TRP B 414 38.91 5.15 -6.07
C TRP B 414 39.83 4.83 -7.24
N HIS B 415 39.25 4.49 -8.38
CA HIS B 415 40.04 4.36 -9.59
C HIS B 415 40.87 5.63 -9.77
N PRO B 416 42.19 5.53 -9.94
CA PRO B 416 43.03 6.73 -9.88
C PRO B 416 42.69 7.77 -10.94
N GLU B 417 42.18 7.35 -12.10
CA GLU B 417 41.88 8.28 -13.18
C GLU B 417 40.61 9.08 -12.96
N LEU B 418 39.91 8.88 -11.84
CA LEU B 418 38.75 9.68 -11.52
C LEU B 418 39.16 11.03 -10.93
N THR B 419 38.53 12.09 -11.41
CA THR B 419 38.81 13.44 -10.94
C THR B 419 38.17 13.68 -9.58
N PRO B 420 38.65 14.67 -8.82
CA PRO B 420 38.02 14.95 -7.53
C PRO B 420 36.54 15.29 -7.66
N GLN B 421 36.15 16.01 -8.72
CA GLN B 421 34.74 16.26 -8.95
C GLN B 421 33.96 14.95 -9.05
N GLN B 422 34.44 14.02 -9.87
CA GLN B 422 33.75 12.75 -10.04
C GLN B 422 33.64 12.01 -8.71
N ARG B 423 34.74 11.95 -7.94
CA ARG B 423 34.70 11.29 -6.64
C ARG B 423 33.70 11.99 -5.71
N ARG B 424 33.67 13.33 -5.73
CA ARG B 424 32.70 14.05 -4.93
C ARG B 424 31.27 13.70 -5.34
N SER B 425 31.03 13.54 -6.64
CA SER B 425 29.69 13.55 -7.20
C SER B 425 29.18 12.17 -7.56
N LEU B 426 29.97 11.11 -7.37
CA LEU B 426 29.52 9.78 -7.76
C LEU B 426 28.51 9.27 -6.74
N PRO B 427 27.33 8.82 -7.18
CA PRO B 427 26.35 8.28 -6.23
C PRO B 427 26.71 6.87 -5.77
N ALA B 428 26.34 6.58 -4.53
CA ALA B 428 26.63 5.28 -3.95
C ALA B 428 25.74 4.20 -4.57
N ILE B 429 26.22 2.97 -4.53
CA ILE B 429 25.51 1.84 -5.12
C ILE B 429 24.61 1.20 -4.07
N DAL C 1 -25.09 6.78 8.12
CA DAL C 1 -25.56 6.78 6.74
CB DAL C 1 -24.57 6.02 5.92
C DAL C 1 -25.69 8.24 6.22
O DAL C 1 -24.74 9.00 6.29
N LYS C 2 -26.87 8.58 5.69
CA LYS C 2 -27.10 9.90 5.05
C LYS C 2 -27.83 10.90 5.96
N ASP C 3 -29.08 10.58 6.31
CA ASP C 3 -29.88 11.42 7.18
CA ASP C 3 -29.88 11.43 7.18
C ASP C 3 -29.76 11.05 8.64
N GLY C 4 -29.32 9.84 8.94
CA GLY C 4 -29.19 9.40 10.32
C GLY C 4 -27.83 8.79 10.63
N LEU C 5 -27.78 7.96 11.67
CA LEU C 5 -26.54 7.42 12.18
C LEU C 5 -26.75 5.96 12.57
N GLY C 6 -27.39 5.21 11.70
CA GLY C 6 -27.84 3.87 11.99
C GLY C 6 -26.95 2.74 11.52
N GLU C 7 -25.78 3.03 10.97
CA GLU C 7 -24.85 2.01 10.53
C GLU C 7 -23.63 1.99 11.44
N TYR C 8 -23.06 0.80 11.62
CA TYR C 8 -21.91 0.64 12.50
C TYR C 8 -20.79 1.59 12.11
N THR C 9 -20.43 1.64 10.82
CA THR C 9 -19.38 2.52 10.32
C THR C 9 -19.85 3.23 9.07
N CYS C 10 -19.49 4.52 8.96
CA CYS C 10 -19.83 5.33 7.80
C CYS C 10 -18.65 5.62 6.89
N THR C 11 -17.43 5.62 7.41
CA THR C 11 -16.24 5.97 6.64
C THR C 11 -15.49 4.71 6.21
N SER C 12 -14.60 4.90 5.24
CA SER C 12 -13.73 3.84 4.74
C SER C 12 -12.29 4.11 5.17
N LEU C 13 -11.59 3.04 5.55
CA LEU C 13 -10.19 3.14 5.92
C LEU C 13 -9.32 2.85 4.70
N GLU C 14 -8.19 3.54 4.62
CA GLU C 14 -7.23 3.36 3.53
C GLU C 14 -5.81 3.47 4.07
N GLY C 15 -5.52 2.74 5.14
CA GLY C 15 -4.16 2.71 5.66
C GLY C 15 -3.66 4.10 6.04
N PHE C 16 -2.52 4.48 5.47
CA PHE C 16 -1.90 5.76 5.78
C PHE C 16 -2.27 6.86 4.79
N GLU C 17 -2.99 6.54 3.72
CA GLU C 17 -3.37 7.52 2.71
C GLU C 17 -4.11 8.69 3.35
MN MN D . -32.81 14.78 8.94
C1 OGA E . -33.37 16.61 6.83
C2 OGA E . -34.78 16.11 7.06
C4 OGA E . -37.14 16.24 6.20
C5 OGA E . -37.71 16.40 4.80
O1 OGA E . -32.41 16.29 7.59
O2 OGA E . -33.19 17.36 5.84
O2' OGA E . -35.07 15.36 7.94
O3 OGA E . -38.93 16.63 4.65
N1 OGA E . -35.76 16.62 6.12
O4 OGA E . -36.97 16.30 3.78
MN MN F . 35.35 -10.39 -4.90
C1 OGA G . 37.69 -9.77 -3.38
C2 OGA G . 37.48 -11.23 -3.01
C4 OGA G . 38.19 -13.10 -1.52
C5 OGA G . 39.23 -13.30 -0.44
O1 OGA G . 38.80 -9.26 -3.09
O2 OGA G . 36.79 -9.10 -3.96
O2' OGA G . 36.71 -11.92 -3.57
O3 OGA G . 39.03 -12.87 0.73
N1 OGA G . 38.31 -11.73 -1.93
O4 OGA G . 40.29 -13.89 -0.74
#